data_8WJB
#
_entry.id   8WJB
#
_cell.length_a   196.767
_cell.length_b   48.564
_cell.length_c   116.924
_cell.angle_alpha   90.00
_cell.angle_beta   122.67
_cell.angle_gamma   90.00
#
_symmetry.space_group_name_H-M   'C 1 2 1'
#
_entity_poly.entity_id   1
_entity_poly.type   'polypeptide(L)'
_entity_poly.pdbx_seq_one_letter_code
;PGCNKTNDHFTMQPGVNFYTVPNLGPSSSSADECYTNPSFSIGSSIYMFSQEIRKTDCTTGEILSIQIVLGRIVDKGQQG
PQASPLLVWSVPNPKIINSCAVAAGDETGWVLCSVTLTAASGEPIPHMFDGFWLYKFEPDTEVVAYRITGFAYLLDKVYD
SVFIGKGGGIQRGNDLYFQMFGLSRNRQSIKALCEHGSCLGTGGGGYQVLCDRAVMSFGSEESLISNAYLKVNDVASGKP
TIISQTFPPSDSYKGSNGRIYTIGERYGIYLAPSSWNRYLRFGLTPDISVRSTTWLKEKDPIMKVLTTCTNTDKDMCPEI
CNTRGYQDIFPLSEDSSFYTYIGITPSNEGTKSFVAVKDDAGHVASITILPNYYSITSATISCFMYKEEIWCIAVTEGRK
QKENPQRIYAHSYRVQKMCFHHHH
;
_entity_poly.pdbx_strand_id   A,B
#
# COMPACT_ATOMS: atom_id res chain seq x y z
N CYS A 3 21.36 18.34 -23.95
CA CYS A 3 20.68 19.36 -23.15
C CYS A 3 20.70 18.96 -21.69
N ASN A 4 21.37 19.76 -20.86
CA ASN A 4 21.42 19.48 -19.42
C ASN A 4 20.00 19.45 -18.87
N LYS A 5 19.52 18.26 -18.55
CA LYS A 5 18.21 18.09 -17.92
C LYS A 5 18.03 18.90 -16.64
N THR A 6 19.10 19.42 -16.05
CA THR A 6 19.08 20.19 -14.82
C THR A 6 18.71 21.66 -15.02
N ASN A 7 19.39 22.35 -15.93
CA ASN A 7 19.13 23.75 -16.12
C ASN A 7 18.21 24.08 -17.26
N ASP A 8 18.36 23.37 -18.37
CA ASP A 8 17.55 23.63 -19.51
C ASP A 8 16.12 23.21 -19.29
N HIS A 9 15.18 23.84 -19.97
CA HIS A 9 13.78 23.55 -19.80
C HIS A 9 13.23 22.93 -21.02
N PHE A 10 12.12 22.22 -20.92
CA PHE A 10 11.59 21.51 -22.09
C PHE A 10 10.09 21.49 -22.39
N THR A 11 9.76 21.52 -23.66
CA THR A 11 8.38 21.51 -24.10
C THR A 11 8.14 20.20 -24.85
N MET A 12 6.97 19.60 -24.72
CA MET A 12 6.65 18.38 -25.50
C MET A 12 5.29 18.63 -26.16
N GLN A 13 5.18 18.34 -27.45
CA GLN A 13 3.95 18.70 -28.18
C GLN A 13 3.64 17.67 -29.26
N PRO A 14 2.35 17.41 -29.51
CA PRO A 14 1.99 16.55 -30.61
C PRO A 14 2.25 17.33 -31.91
N GLY A 15 2.80 16.66 -32.91
CA GLY A 15 3.06 17.29 -34.21
C GLY A 15 1.78 17.62 -34.93
N VAL A 16 1.87 17.97 -36.21
CA VAL A 16 0.66 18.44 -36.95
C VAL A 16 -0.01 17.27 -37.64
N ASN A 17 0.76 16.27 -38.02
CA ASN A 17 0.19 15.19 -38.84
C ASN A 17 -0.23 13.97 -38.00
N PHE A 18 -1.20 13.21 -38.49
CA PHE A 18 -1.70 11.99 -37.85
C PHE A 18 -1.71 10.92 -38.95
N TYR A 19 -0.51 10.44 -39.31
CA TYR A 19 -0.36 9.61 -40.49
C TYR A 19 -0.97 8.24 -40.25
N THR A 20 -1.56 7.67 -41.29
CA THR A 20 -1.99 6.29 -41.19
C THR A 20 -0.79 5.37 -41.10
N VAL A 21 -0.92 4.36 -40.25
CA VAL A 21 -0.02 3.21 -40.19
C VAL A 21 -0.86 2.04 -40.66
N PRO A 22 -1.09 1.87 -41.95
CA PRO A 22 -1.90 0.74 -42.41
C PRO A 22 -1.20 -0.58 -42.14
N ASN A 23 -2.00 -1.64 -42.09
CA ASN A 23 -1.51 -3.00 -42.08
C ASN A 23 -0.71 -3.33 -40.84
N LEU A 24 -0.94 -2.59 -39.75
CA LEU A 24 -0.46 -3.05 -38.46
C LEU A 24 -0.99 -4.44 -38.18
N GLY A 25 -2.27 -4.65 -38.44
CA GLY A 25 -2.85 -5.97 -38.42
C GLY A 25 -3.77 -6.12 -39.60
N PRO A 26 -4.06 -7.36 -39.99
CA PRO A 26 -5.08 -7.60 -41.00
C PRO A 26 -6.47 -7.29 -40.47
N SER A 27 -7.39 -7.11 -41.40
CA SER A 27 -8.75 -6.72 -41.11
C SER A 27 -9.61 -7.05 -42.31
N SER A 28 -10.78 -7.64 -42.09
CA SER A 28 -11.69 -7.99 -43.16
C SER A 28 -12.80 -6.94 -43.26
N SER A 29 -13.51 -6.97 -44.37
CA SER A 29 -14.57 -6.00 -44.63
C SER A 29 -15.94 -6.42 -44.09
N SER A 30 -16.06 -7.61 -43.48
CA SER A 30 -17.38 -8.22 -43.23
C SER A 30 -18.19 -7.43 -42.21
N ALA A 31 -19.44 -7.13 -42.59
CA ALA A 31 -20.34 -6.41 -41.69
C ALA A 31 -20.71 -7.25 -40.49
N ASP A 32 -20.91 -8.56 -40.70
CA ASP A 32 -21.24 -9.48 -39.63
C ASP A 32 -20.20 -9.51 -38.51
N GLU A 33 -19.00 -8.99 -38.73
CA GLU A 33 -17.92 -9.12 -37.78
C GLU A 33 -17.56 -7.78 -37.15
N CYS A 34 -17.00 -7.84 -35.95
CA CYS A 34 -16.53 -6.68 -35.23
C CYS A 34 -15.14 -6.96 -34.70
N TYR A 35 -14.26 -6.00 -34.85
CA TYR A 35 -12.90 -6.11 -34.37
C TYR A 35 -12.80 -5.28 -33.09
N THR A 36 -12.35 -5.92 -32.02
CA THR A 36 -12.53 -5.33 -30.72
C THR A 36 -11.44 -5.85 -29.80
N ASN A 37 -11.33 -5.19 -28.65
CA ASN A 37 -10.34 -5.51 -27.64
C ASN A 37 -8.93 -5.70 -28.19
N PRO A 38 -8.36 -4.70 -28.84
CA PRO A 38 -6.97 -4.83 -29.30
C PRO A 38 -5.97 -4.73 -28.15
N SER A 39 -4.79 -5.30 -28.42
CA SER A 39 -3.64 -5.06 -27.56
C SER A 39 -2.42 -4.77 -28.43
N PHE A 40 -1.61 -3.82 -27.98
CA PHE A 40 -0.51 -3.31 -28.80
C PHE A 40 0.66 -3.02 -27.87
N SER A 41 1.79 -3.67 -28.13
CA SER A 41 2.99 -3.47 -27.32
C SER A 41 4.17 -3.37 -28.27
N ILE A 42 4.92 -2.27 -28.16
CA ILE A 42 6.08 -2.05 -29.01
C ILE A 42 7.32 -2.44 -28.24
N GLY A 43 8.21 -3.18 -28.90
CA GLY A 43 9.46 -3.59 -28.32
C GLY A 43 10.63 -2.82 -28.89
N SER A 44 11.82 -3.27 -28.50
CA SER A 44 13.07 -2.68 -28.95
C SER A 44 13.21 -2.81 -30.47
N SER A 45 12.72 -3.90 -31.03
CA SER A 45 12.84 -4.20 -32.44
C SER A 45 11.59 -4.84 -33.02
N ILE A 46 10.66 -5.30 -32.19
CA ILE A 46 9.42 -5.91 -32.64
C ILE A 46 8.25 -5.18 -32.01
N TYR A 47 7.07 -5.45 -32.57
CA TYR A 47 5.81 -5.10 -31.95
C TYR A 47 4.90 -6.32 -31.95
N MET A 48 4.00 -6.37 -30.97
CA MET A 48 2.99 -7.41 -30.84
C MET A 48 1.62 -6.73 -30.86
N PHE A 49 0.66 -7.38 -31.51
CA PHE A 49 -0.68 -6.83 -31.70
C PHE A 49 -1.70 -7.96 -31.61
N SER A 50 -2.75 -7.77 -30.84
CA SER A 50 -3.81 -8.78 -30.81
C SER A 50 -5.13 -8.10 -31.10
N GLN A 51 -6.05 -8.85 -31.71
CA GLN A 51 -7.41 -8.39 -31.95
C GLN A 51 -8.39 -9.56 -31.82
N GLU A 52 -9.60 -9.26 -31.33
CA GLU A 52 -10.67 -10.23 -31.25
C GLU A 52 -11.69 -9.92 -32.34
N ILE A 53 -12.01 -10.93 -33.14
CA ILE A 53 -13.00 -10.84 -34.19
C ILE A 53 -14.21 -11.60 -33.68
N ARG A 54 -15.28 -10.84 -33.39
CA ARG A 54 -16.51 -11.33 -32.79
C ARG A 54 -17.66 -11.15 -33.76
N LYS A 55 -18.73 -11.93 -33.56
CA LYS A 55 -19.90 -11.93 -34.44
C LYS A 55 -20.97 -10.99 -33.89
N THR A 56 -21.47 -10.10 -34.76
CA THR A 56 -22.55 -9.16 -34.47
C THR A 56 -22.29 -8.19 -33.32
N ASP A 57 -22.14 -8.69 -32.11
CA ASP A 57 -21.97 -7.83 -30.96
C ASP A 57 -20.48 -7.62 -30.68
N CYS A 58 -20.08 -6.38 -30.44
CA CYS A 58 -18.68 -6.17 -30.13
C CYS A 58 -18.31 -6.50 -28.71
N THR A 59 -19.27 -6.86 -27.88
CA THR A 59 -18.98 -7.11 -26.48
C THR A 59 -19.27 -8.54 -26.07
N THR A 60 -20.42 -9.08 -26.46
CA THR A 60 -20.81 -10.46 -26.16
C THR A 60 -20.82 -11.35 -27.40
N GLY A 61 -20.52 -10.81 -28.59
CA GLY A 61 -20.55 -11.62 -29.78
C GLY A 61 -19.57 -12.77 -29.68
N GLU A 62 -19.97 -13.93 -30.21
CA GLU A 62 -19.10 -15.10 -30.23
C GLU A 62 -17.71 -14.75 -30.74
N ILE A 63 -16.69 -15.19 -30.02
CA ILE A 63 -15.33 -14.94 -30.49
C ILE A 63 -15.02 -15.88 -31.64
N LEU A 64 -15.25 -15.38 -32.86
CA LEU A 64 -14.86 -16.12 -34.06
C LEU A 64 -13.35 -16.33 -34.13
N SER A 65 -12.55 -15.42 -33.61
CA SER A 65 -11.12 -15.59 -33.81
C SER A 65 -10.36 -14.58 -32.96
N ILE A 66 -9.12 -14.93 -32.58
CA ILE A 66 -8.21 -14.00 -31.92
C ILE A 66 -6.91 -13.98 -32.74
N GLN A 67 -6.70 -12.90 -33.49
CA GLN A 67 -5.55 -12.78 -34.39
C GLN A 67 -4.40 -12.06 -33.70
N ILE A 68 -3.25 -12.70 -33.69
CA ILE A 68 -2.01 -12.15 -33.16
C ILE A 68 -1.12 -11.80 -34.33
N VAL A 69 -0.42 -10.69 -34.22
CA VAL A 69 0.54 -10.25 -35.22
C VAL A 69 1.84 -9.96 -34.50
N LEU A 70 2.90 -10.62 -34.96
CA LEU A 70 4.27 -10.23 -34.65
C LEU A 70 4.79 -9.48 -35.86
N GLY A 71 5.36 -8.30 -35.63
CA GLY A 71 5.88 -7.56 -36.75
C GLY A 71 6.95 -6.58 -36.32
N ARG A 72 7.39 -5.77 -37.27
CA ARG A 72 8.41 -4.76 -37.02
C ARG A 72 7.95 -3.38 -37.50
N ILE A 73 8.29 -2.37 -36.72
CA ILE A 73 8.08 -0.98 -37.11
C ILE A 73 9.28 -0.53 -37.93
N VAL A 74 9.00 -0.01 -39.13
CA VAL A 74 10.04 0.19 -40.13
C VAL A 74 9.79 1.46 -40.93
N ASP A 75 10.84 1.90 -41.61
CA ASP A 75 10.73 2.94 -42.62
C ASP A 75 10.37 2.27 -43.94
N LYS A 76 9.27 2.70 -44.54
CA LYS A 76 8.88 2.27 -45.89
C LYS A 76 9.01 3.42 -46.88
N GLY A 77 9.87 4.39 -46.57
CA GLY A 77 9.94 5.62 -47.33
C GLY A 77 8.88 6.65 -47.02
N GLN A 78 7.73 6.23 -46.48
CA GLN A 78 6.63 7.16 -46.23
C GLN A 78 7.01 8.18 -45.16
N GLN A 79 6.10 9.13 -44.95
CA GLN A 79 6.36 10.21 -44.00
C GLN A 79 6.57 9.67 -42.58
N GLY A 80 5.67 8.81 -42.12
CA GLY A 80 5.77 8.31 -40.78
C GLY A 80 6.26 6.88 -40.74
N PRO A 81 6.50 6.38 -39.53
CA PRO A 81 6.81 4.96 -39.36
C PRO A 81 5.73 4.08 -39.97
N GLN A 82 6.12 2.88 -40.36
CA GLN A 82 5.19 1.95 -40.98
C GLN A 82 5.33 0.57 -40.33
N ALA A 83 4.41 -0.32 -40.67
CA ALA A 83 4.31 -1.64 -40.05
C ALA A 83 4.65 -2.74 -41.05
N SER A 84 5.56 -3.62 -40.69
CA SER A 84 5.89 -4.79 -41.50
C SER A 84 5.57 -6.06 -40.73
N PRO A 85 4.38 -6.64 -40.90
CA PRO A 85 4.04 -7.86 -40.14
C PRO A 85 4.89 -9.05 -40.55
N LEU A 86 5.51 -9.68 -39.54
CA LEU A 86 6.37 -10.85 -39.67
C LEU A 86 5.61 -12.16 -39.66
N LEU A 87 4.65 -12.29 -38.76
CA LEU A 87 3.81 -13.48 -38.65
C LEU A 87 2.40 -13.12 -38.20
N VAL A 88 1.40 -13.74 -38.84
CA VAL A 88 0.00 -13.63 -38.47
C VAL A 88 -0.46 -15.00 -37.99
N TRP A 89 -1.16 -15.04 -36.86
CA TRP A 89 -1.40 -16.30 -36.15
C TRP A 89 -2.72 -16.19 -35.43
N SER A 90 -3.41 -17.32 -35.29
CA SER A 90 -4.68 -17.37 -34.56
C SER A 90 -4.50 -18.08 -33.23
N VAL A 91 -5.11 -17.54 -32.19
CA VAL A 91 -5.19 -18.33 -30.96
C VAL A 91 -6.10 -19.53 -31.22
N PRO A 92 -5.64 -20.75 -30.95
CA PRO A 92 -6.52 -21.91 -31.15
C PRO A 92 -7.60 -22.00 -30.08
N ASN A 93 -8.68 -22.71 -30.44
CA ASN A 93 -9.84 -22.89 -29.59
C ASN A 93 -10.34 -21.56 -29.02
N PRO A 94 -10.61 -20.56 -29.88
CA PRO A 94 -10.96 -19.23 -29.37
C PRO A 94 -12.22 -19.18 -28.52
N LYS A 95 -13.14 -20.12 -28.71
CA LYS A 95 -14.40 -20.08 -27.95
C LYS A 95 -14.19 -20.28 -26.46
N ILE A 96 -13.02 -20.76 -26.03
CA ILE A 96 -12.73 -21.02 -24.63
C ILE A 96 -11.96 -19.86 -23.98
N ILE A 97 -11.68 -18.79 -24.73
CA ILE A 97 -10.89 -17.67 -24.24
C ILE A 97 -11.77 -16.61 -23.57
N ASN A 98 -11.31 -16.11 -22.43
CA ASN A 98 -11.87 -14.90 -21.85
C ASN A 98 -11.30 -13.68 -22.57
N SER A 99 -9.98 -13.50 -22.49
CA SER A 99 -9.29 -12.35 -23.04
C SER A 99 -7.80 -12.67 -23.19
N CYS A 100 -7.13 -11.91 -24.06
CA CYS A 100 -5.69 -12.07 -24.28
C CYS A 100 -5.03 -10.71 -24.40
N ALA A 101 -3.79 -10.64 -23.96
CA ALA A 101 -3.04 -9.40 -24.15
C ALA A 101 -1.64 -9.77 -24.61
N VAL A 102 -0.87 -8.75 -25.00
CA VAL A 102 0.43 -8.97 -25.59
C VAL A 102 1.47 -8.23 -24.79
N ALA A 103 2.72 -8.64 -24.99
CA ALA A 103 3.87 -7.88 -24.53
C ALA A 103 5.01 -8.07 -25.51
N ALA A 104 5.81 -7.03 -25.70
CA ALA A 104 6.96 -7.11 -26.58
C ALA A 104 8.26 -6.93 -25.80
N GLY A 105 9.22 -7.79 -26.10
CA GLY A 105 10.60 -7.62 -25.63
C GLY A 105 11.58 -7.32 -26.76
N ASP A 106 12.81 -7.81 -26.63
CA ASP A 106 13.73 -7.79 -27.77
C ASP A 106 13.49 -9.06 -28.57
N GLU A 107 13.10 -8.89 -29.82
CA GLU A 107 12.89 -10.00 -30.75
C GLU A 107 12.03 -11.13 -30.13
N THR A 108 11.21 -10.85 -29.10
CA THR A 108 10.34 -11.87 -28.50
C THR A 108 9.05 -11.22 -28.00
N GLY A 109 7.93 -11.84 -28.35
CA GLY A 109 6.63 -11.36 -28.00
C GLY A 109 5.87 -12.39 -27.19
N TRP A 110 4.88 -11.94 -26.48
CA TRP A 110 4.12 -12.85 -25.65
C TRP A 110 2.64 -12.53 -25.82
N VAL A 111 1.83 -13.57 -25.87
CA VAL A 111 0.38 -13.46 -25.72
C VAL A 111 -0.03 -14.23 -24.49
N LEU A 112 -0.66 -13.56 -23.55
CA LEU A 112 -1.17 -14.22 -22.35
C LEU A 112 -2.69 -14.24 -22.41
N CYS A 113 -3.27 -15.43 -22.32
CA CYS A 113 -4.70 -15.66 -22.52
C CYS A 113 -5.28 -16.34 -21.29
N SER A 114 -6.41 -15.84 -20.81
CA SER A 114 -7.10 -16.49 -19.71
C SER A 114 -8.32 -17.25 -20.26
N VAL A 115 -8.41 -18.53 -19.90
CA VAL A 115 -9.41 -19.41 -20.47
C VAL A 115 -10.47 -19.72 -19.43
N THR A 116 -11.60 -20.23 -19.89
CA THR A 116 -12.71 -20.56 -19.03
C THR A 116 -12.90 -22.07 -19.03
N LEU A 117 -13.75 -22.53 -18.11
CA LEU A 117 -14.03 -23.96 -18.00
C LEU A 117 -14.77 -24.45 -19.24
N THR A 118 -14.39 -25.62 -19.73
CA THR A 118 -15.09 -26.19 -20.88
C THR A 118 -16.07 -27.26 -20.40
N ALA A 119 -17.22 -27.35 -21.06
CA ALA A 119 -18.20 -28.37 -20.72
C ALA A 119 -17.72 -29.76 -21.13
N ALA A 120 -18.41 -30.77 -20.61
CA ALA A 120 -18.30 -32.11 -21.18
C ALA A 120 -18.47 -32.06 -22.70
N SER A 121 -19.53 -31.39 -23.17
CA SER A 121 -19.78 -31.23 -24.59
C SER A 121 -18.59 -30.63 -25.35
N GLY A 122 -17.60 -30.06 -24.66
CA GLY A 122 -16.55 -29.31 -25.31
C GLY A 122 -16.85 -27.84 -25.46
N GLU A 123 -18.10 -27.42 -25.23
CA GLU A 123 -18.52 -26.03 -25.40
C GLU A 123 -18.09 -25.18 -24.21
N PRO A 124 -18.14 -23.86 -24.33
CA PRO A 124 -17.69 -23.00 -23.22
C PRO A 124 -18.65 -23.05 -22.03
N ILE A 125 -18.07 -23.08 -20.84
CA ILE A 125 -18.82 -22.70 -19.64
C ILE A 125 -18.56 -21.22 -19.41
N PRO A 126 -19.48 -20.31 -19.78
CA PRO A 126 -19.18 -18.88 -19.75
C PRO A 126 -18.80 -18.16 -18.45
N HIS A 127 -17.90 -17.18 -18.53
CA HIS A 127 -17.52 -16.32 -17.37
C HIS A 127 -16.79 -17.08 -16.27
N MET A 128 -15.90 -18.01 -16.60
CA MET A 128 -15.26 -18.81 -15.52
C MET A 128 -13.74 -18.76 -15.67
N PHE A 129 -13.04 -19.74 -15.10
CA PHE A 129 -11.56 -19.69 -15.13
C PHE A 129 -10.97 -21.09 -15.15
N ASP A 130 -10.35 -21.46 -16.26
CA ASP A 130 -9.64 -22.72 -16.35
C ASP A 130 -8.14 -22.49 -16.57
N GLY A 131 -7.60 -21.41 -16.02
CA GLY A 131 -6.18 -21.14 -16.16
C GLY A 131 -5.83 -20.28 -17.36
N PHE A 132 -4.62 -20.45 -17.89
CA PHE A 132 -4.08 -19.56 -18.92
C PHE A 132 -3.35 -20.34 -20.03
N TRP A 133 -3.22 -19.68 -21.17
CA TRP A 133 -2.28 -20.06 -22.22
C TRP A 133 -1.30 -18.92 -22.41
N LEU A 134 -0.01 -19.21 -22.37
CA LEU A 134 1.00 -18.24 -22.77
C LEU A 134 1.61 -18.69 -24.10
N TYR A 135 1.58 -17.81 -25.10
CA TYR A 135 2.15 -18.06 -26.42
C TYR A 135 3.39 -17.19 -26.57
N LYS A 136 4.49 -17.82 -27.00
CA LYS A 136 5.79 -17.19 -27.20
C LYS A 136 6.08 -17.04 -28.68
N PHE A 137 6.38 -15.80 -29.09
CA PHE A 137 6.55 -15.42 -30.49
C PHE A 137 7.95 -14.89 -30.72
N GLU A 138 8.65 -15.46 -31.70
CA GLU A 138 9.99 -15.02 -32.04
C GLU A 138 10.09 -14.96 -33.55
N PRO A 139 10.70 -13.92 -34.12
CA PRO A 139 10.89 -13.88 -35.58
C PRO A 139 11.40 -15.19 -36.12
N ASP A 140 10.84 -15.58 -37.27
CA ASP A 140 11.15 -16.83 -37.97
C ASP A 140 11.40 -18.05 -37.08
N THR A 141 10.69 -18.17 -35.97
CA THR A 141 10.62 -19.42 -35.24
C THR A 141 9.15 -19.76 -35.00
N GLU A 142 8.88 -21.04 -34.79
CA GLU A 142 7.52 -21.48 -34.56
C GLU A 142 6.99 -20.91 -33.25
N VAL A 143 5.67 -20.71 -33.18
CA VAL A 143 5.06 -20.31 -31.91
C VAL A 143 5.25 -21.42 -30.88
N VAL A 144 5.62 -21.04 -29.63
CA VAL A 144 5.70 -22.00 -28.54
C VAL A 144 4.51 -21.79 -27.60
N ALA A 145 3.95 -22.88 -27.07
CA ALA A 145 2.75 -22.82 -26.23
C ALA A 145 3.01 -23.42 -24.86
N TYR A 146 2.80 -22.60 -23.82
CA TYR A 146 2.85 -23.05 -22.43
C TYR A 146 1.44 -22.94 -21.86
N ARG A 147 0.82 -24.07 -21.56
CA ARG A 147 -0.42 -24.08 -20.81
C ARG A 147 -0.11 -23.95 -19.33
N ILE A 148 -0.78 -22.99 -18.67
CA ILE A 148 -0.63 -22.72 -17.25
C ILE A 148 -1.93 -23.13 -16.58
N THR A 149 -1.98 -24.34 -16.05
CA THR A 149 -3.07 -24.76 -15.20
C THR A 149 -2.67 -24.56 -13.74
N GLY A 150 -3.48 -25.09 -12.82
CA GLY A 150 -3.25 -24.85 -11.41
C GLY A 150 -1.96 -25.46 -10.89
N PHE A 151 -1.33 -26.35 -11.66
CA PHE A 151 -0.02 -26.83 -11.26
C PHE A 151 1.01 -25.69 -11.24
N ALA A 152 0.82 -24.67 -12.09
CA ALA A 152 1.83 -23.64 -12.28
C ALA A 152 1.28 -22.23 -12.17
N TYR A 153 0.19 -22.03 -11.43
CA TYR A 153 -0.30 -20.69 -11.11
C TYR A 153 -0.86 -20.70 -9.69
N LEU A 154 -0.66 -19.59 -8.98
CA LEU A 154 -1.16 -19.41 -7.62
C LEU A 154 -1.67 -17.97 -7.48
N LEU A 155 -2.98 -17.79 -7.57
CA LEU A 155 -3.57 -16.48 -7.35
C LEU A 155 -3.72 -16.21 -5.85
N ASP A 156 -3.67 -14.93 -5.49
CA ASP A 156 -3.68 -14.56 -4.08
C ASP A 156 -5.09 -14.44 -3.52
N LYS A 157 -6.11 -14.54 -4.37
CA LYS A 157 -7.50 -14.75 -3.98
C LYS A 157 -8.06 -15.90 -4.82
N VAL A 158 -9.29 -16.30 -4.53
CA VAL A 158 -9.96 -17.35 -5.30
C VAL A 158 -10.77 -16.66 -6.38
N TYR A 159 -10.35 -16.82 -7.61
CA TYR A 159 -11.00 -16.10 -8.69
C TYR A 159 -11.91 -17.05 -9.43
N ASP A 160 -13.17 -16.65 -9.59
CA ASP A 160 -14.13 -17.38 -10.41
C ASP A 160 -14.10 -16.95 -11.87
N SER A 161 -13.63 -15.73 -12.15
CA SER A 161 -13.38 -15.28 -13.50
C SER A 161 -12.06 -14.54 -13.50
N VAL A 162 -11.28 -14.72 -14.57
CA VAL A 162 -10.01 -14.01 -14.74
C VAL A 162 -9.92 -13.50 -16.18
N PHE A 163 -9.84 -12.18 -16.34
CA PHE A 163 -9.61 -11.57 -17.65
C PHE A 163 -8.27 -10.84 -17.63
N ILE A 164 -7.54 -10.91 -18.77
CA ILE A 164 -6.27 -10.18 -18.92
C ILE A 164 -6.61 -8.77 -19.39
N GLY A 165 -5.90 -7.79 -18.82
CA GLY A 165 -6.12 -6.42 -19.19
C GLY A 165 -5.74 -6.21 -20.65
N LYS A 166 -6.64 -5.64 -21.45
CA LYS A 166 -6.39 -5.58 -22.88
C LYS A 166 -5.16 -4.74 -23.20
N GLY A 167 -4.69 -3.92 -22.26
CA GLY A 167 -3.57 -3.03 -22.54
C GLY A 167 -2.27 -3.74 -22.88
N GLY A 168 -2.10 -4.96 -22.40
CA GLY A 168 -0.88 -5.72 -22.59
C GLY A 168 0.09 -5.59 -21.44
N GLY A 169 1.26 -6.21 -21.62
CA GLY A 169 2.22 -6.24 -20.55
C GLY A 169 3.63 -5.90 -20.97
N ILE A 170 4.61 -6.17 -20.09
CA ILE A 170 6.01 -5.87 -20.30
C ILE A 170 6.85 -7.07 -19.86
N GLN A 171 8.06 -7.15 -20.40
CA GLN A 171 9.06 -8.14 -20.00
C GLN A 171 10.16 -7.44 -19.20
N ARG A 172 10.70 -8.15 -18.20
CA ARG A 172 11.79 -7.65 -17.37
C ARG A 172 12.62 -8.85 -16.94
N GLY A 173 13.84 -8.95 -17.47
CA GLY A 173 14.64 -10.13 -17.30
C GLY A 173 13.84 -11.35 -17.69
N ASN A 174 13.77 -12.30 -16.77
CA ASN A 174 13.10 -13.56 -17.02
C ASN A 174 11.62 -13.52 -16.69
N ASP A 175 11.08 -12.37 -16.29
CA ASP A 175 9.69 -12.31 -15.88
C ASP A 175 8.88 -11.47 -16.86
N LEU A 176 7.59 -11.77 -16.94
CA LEU A 176 6.63 -10.88 -17.58
C LEU A 176 5.68 -10.34 -16.53
N TYR A 177 5.02 -9.22 -16.88
CA TYR A 177 4.14 -8.51 -15.97
C TYR A 177 2.97 -8.03 -16.81
N PHE A 178 1.77 -8.39 -16.36
CA PHE A 178 0.51 -8.17 -17.04
C PHE A 178 -0.45 -7.71 -15.96
N GLN A 179 -1.63 -7.30 -16.36
CA GLN A 179 -2.67 -6.96 -15.40
C GLN A 179 -3.85 -7.87 -15.66
N MET A 180 -4.59 -8.18 -14.61
CA MET A 180 -5.77 -9.01 -14.75
C MET A 180 -6.90 -8.37 -13.97
N PHE A 181 -8.11 -8.73 -14.35
CA PHE A 181 -9.25 -8.40 -13.53
C PHE A 181 -10.22 -9.58 -13.58
N GLY A 182 -11.02 -9.69 -12.52
CA GLY A 182 -12.11 -10.64 -12.53
C GLY A 182 -12.88 -10.69 -11.25
N LEU A 183 -13.53 -11.81 -10.98
CA LEU A 183 -14.28 -11.99 -9.74
C LEU A 183 -13.40 -12.72 -8.74
N SER A 184 -13.09 -12.06 -7.63
CA SER A 184 -12.49 -12.75 -6.48
C SER A 184 -13.55 -13.03 -5.44
N ARG A 185 -13.19 -13.93 -4.52
CA ARG A 185 -14.04 -14.34 -3.41
C ARG A 185 -13.52 -13.69 -2.14
N ASN A 186 -14.44 -13.07 -1.38
CA ASN A 186 -14.05 -12.19 -0.27
C ASN A 186 -14.78 -12.60 1.00
N ARG A 187 -14.04 -12.72 2.09
CA ARG A 187 -14.61 -12.84 3.42
C ARG A 187 -14.19 -11.68 4.30
N GLN A 188 -13.65 -10.61 3.72
CA GLN A 188 -13.17 -9.45 4.47
C GLN A 188 -14.15 -8.30 4.32
N SER A 189 -14.28 -7.51 5.39
CA SER A 189 -15.06 -6.28 5.31
C SER A 189 -14.33 -5.31 4.41
N ILE A 190 -15.07 -4.54 3.63
CA ILE A 190 -14.43 -3.64 2.67
C ILE A 190 -14.76 -2.18 3.00
N LYS A 191 -13.88 -1.30 2.56
CA LYS A 191 -14.12 0.13 2.56
C LYS A 191 -13.49 0.61 1.24
N ALA A 192 -14.32 0.72 0.22
CA ALA A 192 -13.82 0.94 -1.13
C ALA A 192 -13.33 2.37 -1.30
N LEU A 193 -12.48 2.57 -2.31
CA LEU A 193 -11.95 3.91 -2.58
C LEU A 193 -13.08 4.82 -3.04
N CYS A 194 -13.20 5.97 -2.40
CA CYS A 194 -14.35 6.82 -2.59
C CYS A 194 -13.93 8.28 -2.75
N GLU A 195 -13.13 8.56 -3.79
CA GLU A 195 -12.55 9.89 -4.04
C GLU A 195 -13.39 10.65 -5.06
N HIS A 196 -14.09 11.66 -4.59
CA HIS A 196 -14.92 12.48 -5.46
C HIS A 196 -14.66 13.94 -5.15
N GLY A 197 -15.41 14.84 -5.77
CA GLY A 197 -15.25 16.25 -5.49
C GLY A 197 -16.30 16.75 -4.52
N SER A 198 -16.90 17.88 -4.86
CA SER A 198 -18.02 18.40 -4.09
C SER A 198 -19.27 17.59 -4.44
N CYS A 199 -19.64 16.66 -3.55
CA CYS A 199 -20.86 15.86 -3.67
C CYS A 199 -21.72 16.08 -2.43
N LEU A 200 -22.94 16.59 -2.61
CA LEU A 200 -23.73 17.02 -1.41
C LEU A 200 -24.89 16.07 -1.10
N GLY A 201 -24.67 14.78 -1.26
CA GLY A 201 -25.72 13.77 -0.97
C GLY A 201 -25.35 12.90 0.22
N THR A 202 -25.87 13.26 1.40
CA THR A 202 -25.64 12.45 2.60
C THR A 202 -26.83 11.50 2.68
N GLY A 203 -26.75 10.49 3.52
CA GLY A 203 -27.91 9.61 3.66
C GLY A 203 -27.43 8.22 3.92
N GLY A 204 -27.46 7.81 5.18
CA GLY A 204 -26.82 6.52 5.48
C GLY A 204 -25.35 6.71 5.19
N GLY A 205 -24.59 5.63 5.07
CA GLY A 205 -23.18 5.80 4.69
C GLY A 205 -23.01 6.74 3.50
N GLY A 206 -24.03 6.88 2.64
CA GLY A 206 -23.95 7.84 1.53
C GLY A 206 -23.20 7.29 0.33
N TYR A 207 -22.35 8.10 -0.28
CA TYR A 207 -21.60 7.65 -1.48
C TYR A 207 -20.56 6.60 -1.07
N GLN A 208 -20.20 6.52 0.22
CA GLN A 208 -19.28 5.43 0.55
C GLN A 208 -19.98 4.08 0.47
N VAL A 209 -21.25 4.02 0.84
CA VAL A 209 -22.06 2.84 0.59
C VAL A 209 -22.16 2.60 -0.92
N LEU A 210 -22.38 3.65 -1.70
CA LEU A 210 -22.38 3.48 -3.16
C LEU A 210 -21.03 2.97 -3.68
N CYS A 211 -19.92 3.48 -3.12
CA CYS A 211 -18.59 3.03 -3.50
C CYS A 211 -18.43 1.54 -3.21
N ASP A 212 -18.63 1.16 -1.95
CA ASP A 212 -18.61 -0.25 -1.52
C ASP A 212 -19.42 -1.13 -2.47
N ARG A 213 -20.58 -0.66 -2.90
CA ARG A 213 -21.45 -1.49 -3.74
C ARG A 213 -20.98 -1.57 -5.19
N ALA A 214 -20.28 -0.53 -5.68
CA ALA A 214 -19.88 -0.55 -7.08
C ALA A 214 -18.68 -1.43 -7.36
N VAL A 215 -18.03 -1.97 -6.33
CA VAL A 215 -16.95 -2.92 -6.56
C VAL A 215 -17.44 -4.35 -6.47
N MET A 216 -18.60 -4.58 -5.86
CA MET A 216 -19.15 -5.92 -5.71
C MET A 216 -19.72 -6.41 -7.03
N SER A 217 -19.58 -7.70 -7.25
CA SER A 217 -20.34 -8.40 -8.27
C SER A 217 -21.68 -8.79 -7.66
N PHE A 218 -22.77 -8.41 -8.34
CA PHE A 218 -24.12 -8.86 -7.99
C PHE A 218 -24.54 -8.48 -6.58
N GLY A 219 -23.85 -7.54 -5.94
CA GLY A 219 -24.31 -6.97 -4.70
C GLY A 219 -23.93 -7.70 -3.44
N SER A 220 -22.95 -8.60 -3.51
CA SER A 220 -22.48 -9.34 -2.34
C SER A 220 -21.01 -9.03 -2.14
N GLU A 221 -20.66 -8.57 -0.94
CA GLU A 221 -19.26 -8.35 -0.60
C GLU A 221 -18.45 -9.64 -0.63
N GLU A 222 -19.11 -10.80 -0.71
CA GLU A 222 -18.41 -12.05 -0.84
C GLU A 222 -17.78 -12.20 -2.22
N SER A 223 -18.31 -11.51 -3.23
CA SER A 223 -17.75 -11.54 -4.58
C SER A 223 -17.41 -10.13 -5.06
N LEU A 224 -16.13 -9.85 -5.22
CA LEU A 224 -15.68 -8.55 -5.69
C LEU A 224 -15.22 -8.63 -7.14
N ILE A 225 -15.40 -7.54 -7.87
CA ILE A 225 -14.72 -7.38 -9.14
C ILE A 225 -13.41 -6.67 -8.81
N SER A 226 -12.29 -7.37 -9.01
CA SER A 226 -10.97 -6.95 -8.55
C SER A 226 -9.94 -6.90 -9.67
N ASN A 227 -8.89 -6.10 -9.42
CA ASN A 227 -7.73 -5.91 -10.28
C ASN A 227 -6.55 -6.62 -9.64
N ALA A 228 -5.59 -7.01 -10.46
CA ALA A 228 -4.43 -7.64 -9.87
C ALA A 228 -3.26 -7.51 -10.84
N TYR A 229 -2.07 -7.38 -10.25
CA TYR A 229 -0.83 -7.61 -10.99
C TYR A 229 -0.67 -9.09 -11.23
N LEU A 230 -0.25 -9.42 -12.44
CA LEU A 230 -0.02 -10.80 -12.85
C LEU A 230 1.44 -10.96 -13.26
N LYS A 231 2.20 -11.77 -12.51
CA LYS A 231 3.60 -12.00 -12.80
C LYS A 231 3.81 -13.38 -13.38
N VAL A 232 4.55 -13.43 -14.48
CA VAL A 232 4.98 -14.67 -15.11
C VAL A 232 6.46 -14.85 -14.83
N ASN A 233 6.79 -15.90 -14.11
CA ASN A 233 8.16 -16.13 -13.68
C ASN A 233 8.83 -17.13 -14.60
N ASP A 234 10.13 -16.89 -14.80
CA ASP A 234 11.08 -17.89 -15.27
C ASP A 234 10.77 -18.34 -16.69
N VAL A 235 10.46 -17.38 -17.56
CA VAL A 235 10.11 -17.70 -18.95
C VAL A 235 11.24 -18.38 -19.71
N ALA A 236 12.49 -18.24 -19.26
CA ALA A 236 13.58 -18.91 -19.96
C ALA A 236 13.63 -20.40 -19.67
N SER A 237 13.00 -20.83 -18.58
CA SER A 237 13.02 -22.23 -18.20
C SER A 237 12.20 -23.12 -19.14
N GLY A 238 11.23 -22.55 -19.86
CA GLY A 238 10.22 -23.36 -20.50
C GLY A 238 9.15 -23.83 -19.53
N LYS A 239 9.28 -23.51 -18.24
CA LYS A 239 8.32 -23.88 -17.23
C LYS A 239 7.87 -22.62 -16.49
N PRO A 240 7.16 -21.73 -17.17
CA PRO A 240 6.74 -20.47 -16.53
C PRO A 240 5.69 -20.69 -15.45
N THR A 241 5.69 -19.81 -14.45
CA THR A 241 4.60 -19.89 -13.48
C THR A 241 3.94 -18.53 -13.36
N ILE A 242 2.85 -18.50 -12.62
CA ILE A 242 2.01 -17.29 -12.62
C ILE A 242 1.51 -17.02 -11.21
N ILE A 243 1.89 -15.88 -10.66
CA ILE A 243 1.36 -15.49 -9.36
C ILE A 243 0.74 -14.10 -9.47
N SER A 244 -0.12 -13.79 -8.50
CA SER A 244 -0.96 -12.61 -8.60
C SER A 244 -0.92 -11.83 -7.29
N GLN A 245 -1.04 -10.51 -7.41
CA GLN A 245 -1.21 -9.66 -6.24
C GLN A 245 -2.43 -8.76 -6.49
N THR A 246 -3.49 -9.00 -5.73
CA THR A 246 -4.77 -8.37 -5.96
C THR A 246 -4.82 -7.03 -5.24
N PHE A 247 -5.28 -6.00 -5.94
CA PHE A 247 -5.53 -4.71 -5.32
C PHE A 247 -6.77 -4.82 -4.44
N PRO A 248 -6.69 -4.48 -3.16
CA PRO A 248 -7.90 -4.48 -2.30
C PRO A 248 -8.83 -3.32 -2.64
N PRO A 249 -10.13 -3.45 -2.36
CA PRO A 249 -11.09 -2.40 -2.74
C PRO A 249 -10.71 -0.98 -2.28
N SER A 250 -9.94 -0.83 -1.21
CA SER A 250 -9.54 0.51 -0.75
C SER A 250 -8.52 1.17 -1.68
N ASP A 251 -7.84 0.40 -2.52
CA ASP A 251 -6.83 0.98 -3.39
C ASP A 251 -7.21 0.89 -4.86
N SER A 252 -8.50 0.65 -5.17
CA SER A 252 -8.92 0.53 -6.57
C SER A 252 -10.42 0.76 -6.67
N TYR A 253 -10.86 1.06 -7.90
CA TYR A 253 -12.28 1.08 -8.26
C TYR A 253 -12.66 -0.29 -8.81
N LYS A 254 -13.88 -0.44 -9.31
CA LYS A 254 -14.27 -1.72 -9.87
C LYS A 254 -13.26 -2.16 -10.91
N GLY A 255 -12.88 -3.44 -10.85
CA GLY A 255 -11.84 -3.99 -11.72
C GLY A 255 -12.11 -3.69 -13.18
N SER A 256 -11.05 -3.60 -13.97
CA SER A 256 -11.17 -3.08 -15.32
C SER A 256 -10.05 -3.61 -16.19
N ASN A 257 -10.16 -3.30 -17.48
CA ASN A 257 -8.99 -3.47 -18.34
C ASN A 257 -7.90 -2.47 -17.98
N GLY A 258 -6.66 -2.97 -17.98
CA GLY A 258 -5.52 -2.19 -17.55
C GLY A 258 -4.30 -2.54 -18.39
N ARG A 259 -3.18 -1.93 -18.02
CA ARG A 259 -1.92 -2.04 -18.76
C ARG A 259 -0.77 -1.91 -17.77
N ILE A 260 0.30 -2.65 -18.01
CA ILE A 260 1.54 -2.51 -17.25
C ILE A 260 2.58 -1.92 -18.19
N TYR A 261 3.40 -1.02 -17.64
CA TYR A 261 4.33 -0.16 -18.35
C TYR A 261 5.73 -0.29 -17.75
N THR A 262 6.73 -0.50 -18.58
CA THR A 262 8.10 -0.23 -18.14
C THR A 262 8.34 1.29 -18.22
N ILE A 263 8.62 1.92 -17.08
CA ILE A 263 8.94 3.35 -17.08
C ILE A 263 10.30 3.53 -16.43
N GLY A 264 11.33 3.64 -17.25
CA GLY A 264 12.67 3.70 -16.69
C GLY A 264 13.05 2.36 -16.10
N GLU A 265 13.61 2.38 -14.89
CA GLU A 265 13.83 1.14 -14.14
C GLU A 265 12.66 0.81 -13.22
N ARG A 266 11.51 1.47 -13.38
CA ARG A 266 10.36 1.15 -12.56
C ARG A 266 9.19 0.77 -13.45
N TYR A 267 7.96 0.84 -12.93
CA TYR A 267 6.82 0.40 -13.70
C TYR A 267 5.64 1.32 -13.47
N GLY A 268 4.66 1.21 -14.37
CA GLY A 268 3.42 1.94 -14.24
C GLY A 268 2.24 1.06 -14.56
N ILE A 269 1.04 1.58 -14.25
CA ILE A 269 -0.17 0.78 -14.43
C ILE A 269 -1.40 1.64 -14.73
N TYR A 270 -2.05 1.35 -15.86
CA TYR A 270 -3.27 2.03 -16.25
C TYR A 270 -4.47 1.13 -15.95
N LEU A 271 -5.58 1.75 -15.61
CA LEU A 271 -6.77 1.02 -15.17
C LEU A 271 -7.94 1.75 -15.80
N ALA A 272 -8.41 1.24 -16.92
CA ALA A 272 -9.50 1.92 -17.60
C ALA A 272 -10.66 2.05 -16.63
N PRO A 273 -11.38 3.15 -16.65
CA PRO A 273 -12.58 3.22 -15.81
C PRO A 273 -13.56 2.12 -16.18
N SER A 274 -14.22 1.57 -15.15
CA SER A 274 -15.33 0.64 -15.37
C SER A 274 -16.54 1.00 -14.55
N SER A 275 -16.48 2.05 -13.74
CA SER A 275 -17.55 2.38 -12.81
C SER A 275 -17.74 3.90 -12.78
N TRP A 276 -18.12 4.44 -11.63
CA TRP A 276 -18.49 5.85 -11.54
C TRP A 276 -17.30 6.80 -11.71
N ASN A 277 -16.08 6.34 -11.46
CA ASN A 277 -14.93 7.25 -11.40
C ASN A 277 -14.13 7.17 -12.70
N ARG A 278 -14.41 8.12 -13.59
CA ARG A 278 -13.93 8.12 -14.96
C ARG A 278 -12.70 9.01 -15.16
N TYR A 279 -11.93 9.26 -14.11
CA TYR A 279 -10.66 9.95 -14.23
C TYR A 279 -9.54 8.97 -14.54
N LEU A 280 -8.37 9.50 -14.83
CA LEU A 280 -7.21 8.68 -15.14
C LEU A 280 -6.71 7.95 -13.90
N ARG A 281 -6.70 6.63 -13.98
CA ARG A 281 -6.24 5.77 -12.91
C ARG A 281 -4.92 5.16 -13.37
N PHE A 282 -3.83 5.83 -13.01
CA PHE A 282 -2.49 5.45 -13.44
C PHE A 282 -1.58 5.50 -12.24
N GLY A 283 -0.95 4.38 -11.94
CA GLY A 283 -0.02 4.37 -10.84
C GLY A 283 1.40 4.19 -11.30
N LEU A 284 2.32 4.48 -10.40
CA LEU A 284 3.73 4.19 -10.55
C LEU A 284 4.16 3.28 -9.42
N THR A 285 5.13 2.43 -9.69
CA THR A 285 5.61 1.54 -8.65
C THR A 285 7.05 1.10 -8.93
N PRO A 286 7.96 1.30 -7.96
CA PRO A 286 9.35 0.90 -8.18
C PRO A 286 9.49 -0.59 -8.32
N ASP A 287 8.62 -1.34 -7.67
CA ASP A 287 8.48 -2.78 -7.79
C ASP A 287 7.00 -3.06 -7.96
N ILE A 288 6.67 -4.15 -8.63
CA ILE A 288 5.28 -4.37 -9.01
C ILE A 288 4.51 -4.97 -7.83
N SER A 289 3.97 -4.12 -6.96
CA SER A 289 3.39 -4.60 -5.71
C SER A 289 2.35 -3.60 -5.21
N VAL A 290 1.30 -4.12 -4.59
CA VAL A 290 0.17 -3.27 -4.25
C VAL A 290 0.56 -2.25 -3.18
N ARG A 291 1.55 -2.57 -2.37
CA ARG A 291 1.91 -1.64 -1.31
C ARG A 291 2.74 -0.48 -1.82
N SER A 292 3.62 -0.71 -2.80
CA SER A 292 4.48 0.34 -3.32
C SER A 292 3.87 1.13 -4.49
N THR A 293 2.59 0.91 -4.79
CA THR A 293 1.93 1.55 -5.91
C THR A 293 1.38 2.92 -5.48
N THR A 294 1.83 3.97 -6.15
CA THR A 294 1.40 5.33 -5.88
C THR A 294 0.61 5.83 -7.08
N TRP A 295 -0.47 6.54 -6.85
CA TRP A 295 -1.35 6.91 -7.95
C TRP A 295 -1.17 8.36 -8.39
N LEU A 296 -1.13 8.58 -9.70
CA LEU A 296 -0.97 9.93 -10.25
C LEU A 296 -2.18 10.81 -9.97
N LYS A 297 -1.92 12.07 -9.64
CA LYS A 297 -2.98 13.04 -9.39
C LYS A 297 -3.57 13.62 -10.66
N GLU A 298 -3.26 13.05 -11.82
CA GLU A 298 -3.78 13.54 -13.08
C GLU A 298 -5.20 13.04 -13.30
N LYS A 299 -6.08 13.94 -13.72
CA LYS A 299 -7.46 13.58 -14.04
C LYS A 299 -7.70 13.32 -15.52
N ASP A 300 -6.84 13.84 -16.42
CA ASP A 300 -7.08 13.67 -17.85
C ASP A 300 -6.21 12.55 -18.42
N PRO A 301 -6.71 11.71 -19.35
CA PRO A 301 -8.02 11.76 -20.01
C PRO A 301 -9.14 11.52 -19.03
N ILE A 302 -10.31 12.07 -19.32
CA ILE A 302 -11.54 11.75 -18.61
C ILE A 302 -12.40 10.99 -19.60
N MET A 303 -12.70 9.73 -19.28
CA MET A 303 -13.60 8.94 -20.12
C MET A 303 -15.00 9.55 -20.08
N LYS A 304 -15.46 10.02 -21.23
CA LYS A 304 -16.78 10.68 -21.32
C LYS A 304 -17.58 9.90 -22.35
N VAL A 305 -17.11 8.72 -22.70
CA VAL A 305 -17.76 7.88 -23.74
C VAL A 305 -17.94 6.47 -23.19
N LEU A 306 -18.84 5.69 -23.79
CA LEU A 306 -19.11 4.31 -23.34
C LEU A 306 -19.27 4.33 -21.82
N THR A 307 -20.32 5.00 -21.35
CA THR A 307 -20.59 5.12 -19.89
C THR A 307 -22.08 5.27 -19.66
N THR A 308 -22.62 4.54 -18.70
CA THR A 308 -24.04 4.70 -18.31
C THR A 308 -24.03 5.70 -17.17
N CYS A 309 -22.92 6.41 -16.99
CA CYS A 309 -22.79 7.36 -15.91
C CYS A 309 -23.38 8.72 -16.27
N THR A 310 -23.86 9.41 -15.26
CA THR A 310 -24.56 10.68 -15.42
C THR A 310 -23.90 11.74 -14.56
N ASN A 311 -22.74 11.42 -13.99
CA ASN A 311 -22.12 12.34 -13.08
C ASN A 311 -21.33 13.40 -13.86
N THR A 312 -21.00 14.51 -13.20
CA THR A 312 -20.23 15.55 -13.85
C THR A 312 -18.76 15.18 -13.86
N ASP A 313 -18.05 15.58 -14.92
CA ASP A 313 -16.60 15.46 -14.93
C ASP A 313 -15.95 16.32 -13.86
N LYS A 314 -16.67 17.29 -13.32
CA LYS A 314 -16.07 18.19 -12.34
C LYS A 314 -16.04 17.56 -10.95
N ASP A 315 -17.05 16.79 -10.59
CA ASP A 315 -17.08 16.23 -9.26
C ASP A 315 -17.22 14.73 -9.23
N MET A 316 -17.59 14.10 -10.35
CA MET A 316 -17.47 12.66 -10.50
C MET A 316 -18.16 11.93 -9.34
N CYS A 317 -19.32 12.42 -8.92
CA CYS A 317 -19.95 11.88 -7.71
C CYS A 317 -20.31 10.41 -7.90
N PRO A 318 -20.04 9.57 -6.92
CA PRO A 318 -20.30 8.13 -7.08
C PRO A 318 -21.76 7.86 -7.36
N GLU A 319 -21.98 6.68 -7.94
CA GLU A 319 -23.26 6.12 -8.38
C GLU A 319 -22.97 4.77 -8.99
N ILE A 320 -24.00 3.93 -9.07
CA ILE A 320 -23.90 2.63 -9.75
C ILE A 320 -24.14 2.86 -11.24
N CYS A 321 -23.06 2.86 -12.02
CA CYS A 321 -23.13 3.01 -13.47
C CYS A 321 -22.04 2.16 -14.08
N ASN A 322 -22.05 2.02 -15.42
CA ASN A 322 -21.13 1.11 -16.12
C ASN A 322 -20.40 1.82 -17.25
N THR A 323 -19.06 1.89 -17.15
CA THR A 323 -18.18 2.50 -18.14
C THR A 323 -17.30 1.45 -18.80
N ARG A 324 -17.12 1.54 -20.13
CA ARG A 324 -16.53 0.45 -20.91
C ARG A 324 -15.36 0.82 -21.84
N GLY A 325 -14.85 2.04 -21.78
CA GLY A 325 -13.84 2.49 -22.74
C GLY A 325 -12.43 1.99 -22.43
N TYR A 326 -11.49 2.51 -23.23
CA TYR A 326 -10.06 2.33 -22.98
C TYR A 326 -9.32 3.49 -23.61
N GLN A 327 -8.69 4.33 -22.78
CA GLN A 327 -7.89 5.48 -23.27
C GLN A 327 -6.69 5.61 -22.33
N ASP A 328 -5.67 4.79 -22.57
CA ASP A 328 -4.48 4.85 -21.74
C ASP A 328 -3.61 6.05 -22.12
N ILE A 329 -2.42 6.11 -21.53
CA ILE A 329 -1.44 7.12 -21.84
C ILE A 329 -0.13 6.42 -22.14
N PHE A 330 0.80 7.18 -22.71
CA PHE A 330 2.18 6.72 -22.74
C PHE A 330 3.03 7.78 -22.06
N PRO A 331 3.74 7.43 -20.99
CA PRO A 331 4.60 8.40 -20.34
C PRO A 331 5.79 8.74 -21.23
N LEU A 332 6.15 10.01 -21.21
CA LEU A 332 7.21 10.54 -22.04
C LEU A 332 8.40 11.03 -21.21
N SER A 333 8.35 10.87 -19.88
CA SER A 333 9.49 11.16 -19.02
C SER A 333 9.53 10.13 -17.90
N GLU A 334 10.65 10.14 -17.16
CA GLU A 334 10.90 9.11 -16.16
C GLU A 334 9.83 9.09 -15.07
N ASP A 335 9.30 10.26 -14.70
CA ASP A 335 8.30 10.32 -13.65
C ASP A 335 6.89 10.31 -14.18
N SER A 336 6.73 10.04 -15.48
CA SER A 336 5.50 10.34 -16.20
C SER A 336 5.13 11.83 -16.07
N SER A 337 6.14 12.66 -15.82
CA SER A 337 5.96 14.11 -15.74
C SER A 337 5.33 14.67 -17.01
N PHE A 338 5.75 14.16 -18.17
CA PHE A 338 5.05 14.38 -19.43
C PHE A 338 4.45 13.06 -19.89
N TYR A 339 3.22 13.10 -20.40
CA TYR A 339 2.63 11.92 -21.00
C TYR A 339 1.79 12.33 -22.19
N THR A 340 1.58 11.39 -23.10
CA THR A 340 0.69 11.62 -24.23
C THR A 340 -0.53 10.72 -24.15
N TYR A 341 -1.64 11.25 -24.69
CA TYR A 341 -2.93 10.57 -24.61
C TYR A 341 -3.83 11.06 -25.73
N ILE A 342 -4.92 10.33 -25.95
CA ILE A 342 -6.01 10.79 -26.81
C ILE A 342 -7.25 10.99 -25.94
N GLY A 343 -7.90 12.13 -26.13
CA GLY A 343 -9.19 12.39 -25.53
C GLY A 343 -10.26 12.13 -26.58
N ILE A 344 -11.46 11.78 -26.11
CA ILE A 344 -12.60 11.46 -26.96
C ILE A 344 -13.88 12.02 -26.33
N THR A 345 -14.57 12.89 -27.05
CA THR A 345 -15.76 13.53 -26.52
C THR A 345 -16.96 13.15 -27.37
N PRO A 346 -18.11 12.84 -26.76
CA PRO A 346 -19.30 12.50 -27.53
C PRO A 346 -19.75 13.69 -28.39
N SER A 347 -20.28 13.38 -29.57
CA SER A 347 -20.95 14.37 -30.39
C SER A 347 -22.43 14.04 -30.46
N ASN A 348 -23.20 14.98 -31.00
CA ASN A 348 -24.58 14.64 -31.33
C ASN A 348 -24.60 13.49 -32.30
N GLU A 349 -23.53 13.31 -33.06
CA GLU A 349 -23.40 12.23 -34.02
C GLU A 349 -21.95 11.75 -33.94
N GLY A 350 -21.76 10.63 -33.25
CA GLY A 350 -20.44 10.03 -33.17
C GLY A 350 -19.59 10.67 -32.11
N THR A 351 -18.28 10.69 -32.33
CA THR A 351 -17.35 11.27 -31.36
C THR A 351 -16.35 12.14 -32.09
N LYS A 352 -15.70 13.02 -31.33
CA LYS A 352 -14.60 13.84 -31.83
C LYS A 352 -13.43 13.64 -30.87
N SER A 353 -12.23 13.50 -31.43
CA SER A 353 -11.05 13.13 -30.67
C SER A 353 -9.96 14.18 -30.79
N PHE A 354 -9.11 14.25 -29.78
CA PHE A 354 -7.86 14.98 -29.90
C PHE A 354 -6.71 14.14 -29.41
N VAL A 355 -5.51 14.48 -29.87
CA VAL A 355 -4.27 13.91 -29.34
C VAL A 355 -3.58 15.00 -28.53
N ALA A 356 -2.86 14.60 -27.48
CA ALA A 356 -2.34 15.60 -26.56
C ALA A 356 -1.09 15.12 -25.84
N VAL A 357 -0.16 16.05 -25.66
CA VAL A 357 0.91 15.85 -24.70
C VAL A 357 0.64 16.81 -23.56
N LYS A 358 0.84 16.31 -22.35
CA LYS A 358 0.54 17.04 -21.13
C LYS A 358 1.76 16.97 -20.25
N ASP A 359 1.98 18.04 -19.50
CA ASP A 359 3.11 18.15 -18.60
C ASP A 359 2.63 18.11 -17.15
N ASP A 360 3.60 18.14 -16.24
CA ASP A 360 3.30 18.17 -14.82
C ASP A 360 2.43 19.37 -14.45
N ALA A 361 2.51 20.45 -15.22
CA ALA A 361 1.94 21.73 -14.82
C ALA A 361 0.52 21.96 -15.28
N GLY A 362 -0.07 21.03 -16.01
CA GLY A 362 -1.41 21.24 -16.50
C GLY A 362 -1.50 21.95 -17.82
N HIS A 363 -0.39 22.19 -18.51
CA HIS A 363 -0.46 22.69 -19.87
C HIS A 363 -0.69 21.52 -20.81
N VAL A 364 -1.68 21.65 -21.68
CA VAL A 364 -2.01 20.58 -22.62
C VAL A 364 -1.84 21.11 -24.04
N ALA A 365 -1.04 20.41 -24.85
CA ALA A 365 -0.95 20.70 -26.28
C ALA A 365 -1.75 19.63 -26.98
N SER A 366 -2.92 20.02 -27.52
CA SER A 366 -3.85 19.09 -28.14
C SER A 366 -4.05 19.47 -29.58
N ILE A 367 -4.49 18.51 -30.37
CA ILE A 367 -4.73 18.69 -31.79
C ILE A 367 -5.88 17.75 -32.16
N THR A 368 -6.96 18.30 -32.72
CA THR A 368 -8.09 17.46 -33.10
C THR A 368 -7.63 16.47 -34.16
N ILE A 369 -8.07 15.20 -34.03
CA ILE A 369 -7.67 14.12 -34.93
C ILE A 369 -8.90 13.43 -35.50
N LEU A 370 -8.69 12.79 -36.66
CA LEU A 370 -9.71 12.05 -37.39
C LEU A 370 -11.04 12.80 -37.57
N PRO A 371 -10.99 14.05 -38.06
CA PRO A 371 -12.24 14.82 -38.20
C PRO A 371 -13.22 14.24 -39.21
N ASN A 372 -12.73 13.51 -40.23
CA ASN A 372 -13.63 12.86 -41.17
C ASN A 372 -13.98 11.42 -40.78
N TYR A 373 -13.52 10.93 -39.62
CA TYR A 373 -14.08 9.70 -39.09
C TYR A 373 -15.42 10.00 -38.42
N TYR A 374 -16.35 9.06 -38.54
CA TYR A 374 -17.59 9.17 -37.78
C TYR A 374 -17.33 9.10 -36.28
N SER A 375 -16.64 8.05 -35.83
CA SER A 375 -16.45 7.84 -34.39
C SER A 375 -15.16 7.08 -34.13
N ILE A 376 -14.59 7.39 -32.96
CA ILE A 376 -13.46 6.67 -32.36
C ILE A 376 -13.80 6.45 -30.90
N THR A 377 -13.56 5.25 -30.38
CA THR A 377 -14.07 4.93 -29.04
C THR A 377 -13.02 4.43 -28.05
N SER A 378 -11.82 4.09 -28.50
CA SER A 378 -10.74 3.67 -27.62
C SER A 378 -9.43 4.30 -28.09
N ALA A 379 -8.39 4.13 -27.29
CA ALA A 379 -7.06 4.58 -27.65
C ALA A 379 -6.08 3.85 -26.78
N THR A 380 -5.15 3.12 -27.40
CA THR A 380 -3.92 2.73 -26.72
C THR A 380 -2.73 3.24 -27.51
N ILE A 381 -1.82 3.90 -26.81
CA ILE A 381 -0.70 4.60 -27.44
C ILE A 381 0.59 4.00 -26.93
N SER A 382 1.54 3.76 -27.85
CA SER A 382 2.88 3.35 -27.48
C SER A 382 3.85 4.19 -28.30
N CYS A 383 4.86 4.74 -27.63
CA CYS A 383 5.87 5.54 -28.33
C CYS A 383 7.20 4.85 -28.28
N PHE A 384 8.12 5.39 -29.05
CA PHE A 384 9.39 4.76 -29.40
C PHE A 384 10.26 5.81 -30.08
N MET A 385 11.52 5.46 -30.28
CA MET A 385 12.45 6.29 -31.07
C MET A 385 12.52 5.77 -32.50
N TYR A 386 12.30 6.67 -33.46
CA TYR A 386 12.31 6.33 -34.88
C TYR A 386 12.93 7.49 -35.64
N LYS A 387 13.91 7.19 -36.50
CA LYS A 387 14.68 8.23 -37.19
C LYS A 387 15.15 9.30 -36.20
N GLU A 388 15.47 8.85 -34.98
CA GLU A 388 16.03 9.67 -33.91
C GLU A 388 15.10 10.81 -33.50
N GLU A 389 13.78 10.57 -33.61
CA GLU A 389 12.73 11.45 -33.12
C GLU A 389 11.74 10.60 -32.33
N ILE A 390 11.04 11.22 -31.38
CA ILE A 390 10.03 10.50 -30.61
C ILE A 390 8.76 10.37 -31.44
N TRP A 391 8.32 9.14 -31.63
CA TRP A 391 7.13 8.90 -32.42
C TRP A 391 6.21 8.02 -31.61
N CYS A 392 4.91 8.18 -31.83
CA CYS A 392 3.98 7.24 -31.24
C CYS A 392 3.07 6.71 -32.32
N ILE A 393 2.56 5.53 -32.02
CA ILE A 393 1.46 4.91 -32.73
C ILE A 393 0.29 4.83 -31.75
N ALA A 394 -0.85 5.33 -32.18
CA ALA A 394 -2.09 5.18 -31.44
C ALA A 394 -2.97 4.20 -32.19
N VAL A 395 -3.42 3.17 -31.47
CA VAL A 395 -4.31 2.13 -32.00
C VAL A 395 -5.71 2.36 -31.42
N THR A 396 -6.71 2.51 -32.31
CA THR A 396 -8.00 3.12 -31.99
C THR A 396 -9.14 2.40 -32.70
N GLU A 397 -10.14 2.00 -31.91
CA GLU A 397 -11.36 1.38 -32.42
C GLU A 397 -12.32 2.46 -32.92
N GLY A 398 -13.08 2.13 -33.96
CA GLY A 398 -14.06 3.08 -34.42
C GLY A 398 -14.56 2.72 -35.80
N ARG A 399 -15.30 3.65 -36.39
CA ARG A 399 -15.86 3.48 -37.72
C ARG A 399 -15.52 4.71 -38.56
N LYS A 400 -14.76 4.51 -39.64
CA LYS A 400 -14.59 5.58 -40.62
C LYS A 400 -15.95 6.13 -41.07
N GLN A 401 -16.90 5.24 -41.33
CA GLN A 401 -18.25 5.63 -41.68
C GLN A 401 -19.24 4.96 -40.73
N LYS A 402 -20.28 5.71 -40.32
CA LYS A 402 -21.26 5.16 -39.39
C LYS A 402 -21.80 3.83 -39.85
N GLU A 403 -22.11 3.71 -41.15
CA GLU A 403 -22.64 2.46 -41.69
C GLU A 403 -21.70 1.29 -41.49
N ASN A 404 -20.41 1.55 -41.25
CA ASN A 404 -19.36 0.54 -41.25
C ASN A 404 -19.32 -0.22 -39.93
N PRO A 405 -18.84 -1.46 -39.95
CA PRO A 405 -18.68 -2.19 -38.70
C PRO A 405 -17.45 -1.69 -37.96
N GLN A 406 -17.40 -2.00 -36.68
CA GLN A 406 -16.29 -1.49 -35.90
C GLN A 406 -14.99 -2.13 -36.35
N ARG A 407 -13.96 -1.29 -36.44
CA ARG A 407 -12.67 -1.77 -36.91
C ARG A 407 -11.60 -1.07 -36.08
N ILE A 408 -10.38 -1.54 -36.25
CA ILE A 408 -9.26 -1.07 -35.46
C ILE A 408 -8.25 -0.45 -36.42
N TYR A 409 -7.85 0.80 -36.15
CA TYR A 409 -6.91 1.54 -36.99
C TYR A 409 -5.68 1.94 -36.18
N ALA A 410 -4.53 1.97 -36.86
CA ALA A 410 -3.31 2.54 -36.32
C ALA A 410 -2.94 3.82 -37.08
N HIS A 411 -2.73 4.91 -36.33
CA HIS A 411 -2.16 6.14 -36.87
C HIS A 411 -0.87 6.47 -36.14
N SER A 412 0.06 7.16 -36.85
CA SER A 412 1.32 7.60 -36.26
C SER A 412 1.32 9.11 -36.09
N TYR A 413 2.14 9.56 -35.14
CA TYR A 413 2.37 10.99 -34.94
C TYR A 413 3.69 11.21 -34.23
N ARG A 414 4.25 12.40 -34.39
CA ARG A 414 5.52 12.73 -33.72
C ARG A 414 5.25 13.51 -32.45
N VAL A 415 6.08 13.31 -31.43
CA VAL A 415 6.11 14.23 -30.30
C VAL A 415 7.38 15.05 -30.44
N GLN A 416 7.23 16.37 -30.57
CA GLN A 416 8.35 17.28 -30.58
C GLN A 416 8.80 17.56 -29.15
N LYS A 417 10.10 17.35 -28.90
CA LYS A 417 10.75 17.69 -27.66
C LYS A 417 11.58 18.94 -27.96
N MET A 418 11.21 20.07 -27.35
CA MET A 418 11.86 21.34 -27.56
C MET A 418 12.70 21.65 -26.33
N CYS A 419 14.01 21.75 -26.52
CA CYS A 419 14.87 22.25 -25.45
C CYS A 419 14.94 23.77 -25.53
N PHE A 420 14.83 24.38 -24.37
CA PHE A 420 14.93 25.82 -24.27
C PHE A 420 16.19 26.01 -23.45
N HIS A 421 17.30 26.28 -24.11
CA HIS A 421 18.55 26.49 -23.41
C HIS A 421 18.80 27.88 -22.95
N PRO B 1 3.09 34.41 0.70
CA PRO B 1 1.72 34.60 0.24
C PRO B 1 0.71 33.78 1.04
N GLY B 2 1.18 32.86 1.88
CA GLY B 2 0.23 31.96 2.56
C GLY B 2 -0.20 30.91 1.56
N CYS B 3 -0.47 29.68 1.99
CA CYS B 3 -0.73 28.65 0.94
C CYS B 3 -2.21 28.54 0.59
N ASN B 4 -2.66 29.42 -0.30
CA ASN B 4 -4.04 29.36 -0.81
C ASN B 4 -3.85 29.43 -2.32
N LYS B 5 -2.77 28.83 -2.80
CA LYS B 5 -2.44 29.06 -4.23
C LYS B 5 -2.46 27.79 -5.09
N THR B 6 -1.79 27.87 -6.24
CA THR B 6 -1.88 26.79 -7.24
C THR B 6 -0.57 26.01 -7.34
N ASN B 7 -0.64 24.78 -7.84
CA ASN B 7 0.57 23.96 -8.07
C ASN B 7 1.52 24.28 -6.92
N ASP B 8 1.10 23.99 -5.69
CA ASP B 8 1.89 24.28 -4.48
C ASP B 8 1.55 23.17 -3.50
N HIS B 9 2.48 22.75 -2.65
CA HIS B 9 2.17 21.60 -1.77
C HIS B 9 2.44 21.92 -0.31
N PHE B 10 1.49 21.65 0.59
CA PHE B 10 1.74 21.84 2.01
C PHE B 10 2.46 20.63 2.58
N THR B 11 3.56 20.88 3.29
CA THR B 11 4.40 19.84 3.85
C THR B 11 4.78 20.23 5.26
N MET B 12 5.57 19.38 5.89
CA MET B 12 5.96 19.59 7.27
C MET B 12 7.36 19.06 7.46
N GLN B 13 8.06 19.61 8.44
CA GLN B 13 9.42 19.16 8.63
C GLN B 13 9.78 19.27 10.10
N PRO B 14 10.73 18.48 10.56
CA PRO B 14 11.35 18.76 11.85
C PRO B 14 12.15 20.05 11.79
N GLY B 15 12.35 20.63 12.97
CA GLY B 15 13.12 21.85 13.11
C GLY B 15 14.58 21.55 13.34
N VAL B 16 15.37 22.64 13.43
CA VAL B 16 16.83 22.51 13.47
C VAL B 16 17.32 22.02 14.83
N ASN B 17 16.61 22.33 15.90
CA ASN B 17 17.02 21.93 17.24
C ASN B 17 16.33 20.67 17.72
N PHE B 18 17.01 20.01 18.67
CA PHE B 18 16.61 18.78 19.33
C PHE B 18 16.98 19.03 20.80
N TYR B 19 16.11 19.73 21.51
CA TYR B 19 16.40 20.20 22.86
C TYR B 19 16.26 19.07 23.87
N THR B 20 17.06 19.12 24.91
CA THR B 20 16.94 18.11 25.94
C THR B 20 15.72 18.42 26.80
N VAL B 21 15.04 17.37 27.23
CA VAL B 21 13.97 17.45 28.20
C VAL B 21 14.50 16.76 29.46
N PRO B 22 15.35 17.44 30.23
CA PRO B 22 15.97 16.80 31.39
C PRO B 22 14.95 16.52 32.48
N ASN B 23 15.28 15.57 33.33
CA ASN B 23 14.47 15.25 34.50
C ASN B 23 13.02 14.94 34.12
N LEU B 24 12.79 14.35 32.96
CA LEU B 24 11.44 13.83 32.71
C LEU B 24 11.19 12.62 33.58
N GLY B 25 12.22 11.87 33.90
CA GLY B 25 12.14 10.76 34.81
C GLY B 25 13.43 10.61 35.60
N PRO B 26 13.33 10.03 36.80
CA PRO B 26 14.53 9.86 37.64
C PRO B 26 15.49 8.85 37.01
N SER B 27 16.76 8.94 37.40
CA SER B 27 17.78 8.04 36.90
C SER B 27 18.91 7.94 37.92
N SER B 28 19.58 6.80 37.93
CA SER B 28 20.75 6.59 38.77
C SER B 28 21.95 6.19 37.92
N SER B 29 23.14 6.30 38.53
CA SER B 29 24.40 5.99 37.87
C SER B 29 24.83 4.52 38.01
N SER B 30 24.03 3.69 38.67
CA SER B 30 24.37 2.30 38.93
C SER B 30 24.83 1.58 37.66
N ALA B 31 26.07 1.07 37.70
CA ALA B 31 26.65 0.40 36.55
C ALA B 31 26.01 -0.94 36.22
N ASP B 32 25.31 -1.57 37.17
CA ASP B 32 24.72 -2.88 36.99
C ASP B 32 23.21 -2.83 36.83
N GLU B 33 22.65 -1.64 36.60
CA GLU B 33 21.22 -1.48 36.43
C GLU B 33 20.94 -0.92 35.05
N CYS B 34 20.00 -1.52 34.35
CA CYS B 34 19.62 -1.07 33.04
C CYS B 34 18.25 -0.40 33.09
N TYR B 35 18.13 0.70 32.34
CA TYR B 35 16.86 1.42 32.20
C TYR B 35 16.31 1.08 30.83
N THR B 36 15.08 0.54 30.79
CA THR B 36 14.56 -0.08 29.59
C THR B 36 13.04 0.00 29.61
N ASN B 37 12.43 -0.43 28.48
CA ASN B 37 10.99 -0.50 28.21
C ASN B 37 10.28 0.72 28.78
N PRO B 38 10.48 1.90 28.22
CA PRO B 38 9.78 3.08 28.73
C PRO B 38 8.39 3.20 28.11
N SER B 39 7.49 3.80 28.88
CA SER B 39 6.18 4.12 28.32
C SER B 39 5.91 5.59 28.52
N PHE B 40 5.55 6.29 27.43
CA PHE B 40 5.36 7.73 27.44
C PHE B 40 3.98 8.07 26.89
N SER B 41 3.26 8.95 27.60
CA SER B 41 1.94 9.39 27.14
C SER B 41 1.69 10.84 27.55
N ILE B 42 1.24 11.68 26.61
CA ILE B 42 1.01 13.09 26.88
C ILE B 42 -0.48 13.40 26.78
N GLY B 43 -1.04 13.95 27.84
CA GLY B 43 -2.47 14.28 27.85
C GLY B 43 -2.72 15.75 27.60
N SER B 44 -3.84 16.25 28.09
CA SER B 44 -4.19 17.68 27.89
C SER B 44 -3.26 18.54 28.75
N SER B 45 -3.02 18.09 29.97
CA SER B 45 -2.26 18.94 30.91
C SER B 45 -1.30 18.10 31.76
N ILE B 46 -1.30 16.79 31.55
CA ILE B 46 -0.45 15.90 32.38
C ILE B 46 0.35 14.99 31.45
N TYR B 47 1.36 14.34 32.02
CA TYR B 47 2.14 13.38 31.24
C TYR B 47 2.42 12.17 32.13
N MET B 48 2.47 10.98 31.53
CA MET B 48 2.77 9.77 32.28
C MET B 48 4.04 9.14 31.70
N PHE B 49 4.93 8.71 32.60
CA PHE B 49 6.18 8.07 32.21
C PHE B 49 6.45 6.85 33.08
N SER B 50 6.65 5.71 32.45
CA SER B 50 6.96 4.46 33.13
C SER B 50 8.32 3.97 32.67
N GLN B 51 9.06 3.34 33.59
CA GLN B 51 10.39 2.84 33.22
C GLN B 51 10.81 1.67 34.09
N GLU B 52 11.43 0.67 33.44
CA GLU B 52 11.88 -0.55 34.10
C GLU B 52 13.36 -0.44 34.42
N ILE B 53 13.71 -0.72 35.67
CA ILE B 53 15.09 -0.83 36.12
C ILE B 53 15.35 -2.31 36.42
N ARG B 54 16.23 -2.88 35.61
CA ARG B 54 16.54 -4.30 35.59
C ARG B 54 17.98 -4.52 36.03
N LYS B 55 18.28 -5.76 36.43
CA LYS B 55 19.58 -6.13 36.96
C LYS B 55 20.44 -6.68 35.81
N THR B 56 21.51 -5.94 35.48
CA THR B 56 22.51 -6.34 34.49
C THR B 56 21.96 -6.40 33.06
N ASP B 57 20.97 -7.23 32.81
CA ASP B 57 20.40 -7.33 31.47
C ASP B 57 19.19 -6.42 31.33
N CYS B 58 19.05 -5.83 30.14
CA CYS B 58 17.90 -4.99 29.84
C CYS B 58 16.71 -5.79 29.36
N THR B 59 16.93 -7.03 28.95
CA THR B 59 15.86 -7.88 28.44
C THR B 59 15.38 -8.89 29.49
N THR B 60 16.32 -9.69 29.96
CA THR B 60 15.97 -10.82 30.85
C THR B 60 16.47 -10.54 32.27
N GLY B 61 16.68 -9.28 32.58
CA GLY B 61 17.16 -8.94 33.92
C GLY B 61 16.04 -8.97 34.90
N GLU B 62 16.37 -8.98 36.17
CA GLU B 62 15.30 -8.92 37.20
C GLU B 62 14.61 -7.57 37.06
N ILE B 63 13.55 -7.36 37.82
CA ILE B 63 12.90 -6.02 37.80
C ILE B 63 13.07 -5.41 39.18
N LEU B 64 14.20 -4.75 39.41
CA LEU B 64 14.49 -4.15 40.73
C LEU B 64 13.47 -3.05 40.99
N SER B 65 12.94 -2.43 39.93
CA SER B 65 12.00 -1.31 40.15
C SER B 65 11.26 -0.88 38.88
N ILE B 66 9.95 -0.71 39.00
CA ILE B 66 9.23 -0.05 37.92
C ILE B 66 8.78 1.30 38.47
N GLN B 67 9.41 2.36 37.97
CA GLN B 67 9.05 3.69 38.41
C GLN B 67 8.02 4.31 37.47
N ILE B 68 7.12 5.07 38.06
CA ILE B 68 6.11 5.84 37.39
C ILE B 68 6.34 7.30 37.76
N VAL B 69 6.23 8.18 36.78
CA VAL B 69 6.21 9.62 36.99
C VAL B 69 4.90 10.17 36.44
N LEU B 70 4.22 10.96 37.27
CA LEU B 70 3.16 11.86 36.84
C LEU B 70 3.75 13.27 36.83
N GLY B 71 3.71 13.93 35.67
CA GLY B 71 4.25 15.26 35.54
C GLY B 71 3.38 16.12 34.64
N ARG B 72 3.81 17.36 34.47
CA ARG B 72 3.20 18.26 33.50
C ARG B 72 4.28 18.76 32.54
N ILE B 73 3.87 19.00 31.30
CA ILE B 73 4.72 19.71 30.34
C ILE B 73 4.54 21.21 30.58
N VAL B 74 5.64 21.89 30.90
CA VAL B 74 5.60 23.31 31.26
C VAL B 74 6.70 24.06 30.52
N ASP B 75 6.56 25.39 30.49
CA ASP B 75 7.62 26.29 30.04
C ASP B 75 8.32 26.82 31.28
N LYS B 76 9.54 26.34 31.53
CA LYS B 76 10.39 26.84 32.60
C LYS B 76 11.32 27.96 32.12
N GLY B 77 10.98 28.61 30.99
CA GLY B 77 11.77 29.69 30.46
C GLY B 77 12.90 29.29 29.54
N GLN B 78 13.14 27.99 29.35
CA GLN B 78 14.17 27.55 28.44
C GLN B 78 13.65 27.53 27.01
N GLN B 79 14.57 27.25 26.09
CA GLN B 79 14.25 27.34 24.66
C GLN B 79 13.18 26.33 24.24
N GLY B 80 13.09 25.20 24.92
CA GLY B 80 12.12 24.20 24.58
C GLY B 80 11.28 23.81 25.76
N PRO B 81 10.25 23.00 25.53
CA PRO B 81 9.34 22.61 26.62
C PRO B 81 10.02 21.69 27.62
N GLN B 82 9.62 21.80 28.88
CA GLN B 82 10.32 21.13 29.98
C GLN B 82 9.36 20.26 30.78
N ALA B 83 9.92 19.34 31.56
CA ALA B 83 9.17 18.42 32.39
C ALA B 83 9.21 18.85 33.86
N SER B 84 8.04 19.05 34.45
CA SER B 84 7.95 19.16 35.91
C SER B 84 7.27 17.91 36.48
N PRO B 85 8.03 16.95 36.98
CA PRO B 85 7.42 15.81 37.67
C PRO B 85 6.62 16.26 38.90
N LEU B 86 5.43 15.68 39.07
CA LEU B 86 4.63 15.90 40.26
C LEU B 86 4.67 14.74 41.24
N LEU B 87 4.91 13.53 40.73
CA LEU B 87 4.92 12.36 41.60
C LEU B 87 5.80 11.28 40.97
N VAL B 88 6.70 10.73 41.77
CA VAL B 88 7.49 9.56 41.40
C VAL B 88 7.11 8.42 42.37
N TRP B 89 6.83 7.25 41.83
CA TRP B 89 6.18 6.19 42.57
C TRP B 89 6.62 4.86 41.99
N SER B 90 6.65 3.82 42.82
CA SER B 90 7.20 2.54 42.40
C SER B 90 6.12 1.48 42.41
N VAL B 91 5.94 0.79 41.28
CA VAL B 91 4.90 -0.23 41.17
C VAL B 91 5.19 -1.35 42.17
N PRO B 92 4.22 -1.71 43.03
CA PRO B 92 4.52 -2.72 44.06
C PRO B 92 4.81 -4.07 43.44
N ASN B 93 5.71 -4.81 44.09
CA ASN B 93 6.10 -6.15 43.71
C ASN B 93 6.50 -6.20 42.25
N PRO B 94 7.62 -5.58 41.87
CA PRO B 94 8.01 -5.59 40.46
C PRO B 94 8.44 -6.96 39.96
N LYS B 95 8.72 -7.90 40.87
CA LYS B 95 9.26 -9.19 40.46
C LYS B 95 8.28 -9.92 39.56
N ILE B 96 6.98 -9.79 39.86
CA ILE B 96 5.96 -10.56 39.17
C ILE B 96 5.35 -9.80 37.99
N ILE B 97 5.83 -8.59 37.70
CA ILE B 97 5.29 -7.81 36.59
C ILE B 97 5.82 -8.37 35.27
N ASN B 98 4.94 -8.91 34.45
CA ASN B 98 5.30 -9.17 33.07
C ASN B 98 5.63 -7.88 32.36
N SER B 99 4.70 -6.91 32.41
CA SER B 99 4.96 -5.69 31.64
C SER B 99 3.91 -4.63 31.96
N CYS B 100 4.35 -3.36 32.00
CA CYS B 100 3.47 -2.23 32.21
C CYS B 100 3.55 -1.28 31.03
N ALA B 101 2.52 -0.43 30.91
CA ALA B 101 2.56 0.76 30.06
C ALA B 101 1.54 1.76 30.59
N VAL B 102 1.72 3.03 30.21
CA VAL B 102 0.94 4.13 30.78
C VAL B 102 -0.08 4.64 29.76
N ALA B 103 -1.03 5.43 30.27
CA ALA B 103 -2.01 6.17 29.50
C ALA B 103 -2.25 7.51 30.17
N ALA B 104 -2.16 8.61 29.41
CA ALA B 104 -2.50 9.92 29.95
C ALA B 104 -3.84 10.40 29.42
N GLY B 105 -4.66 10.97 30.32
CA GLY B 105 -5.90 11.66 29.98
C GLY B 105 -5.88 13.16 30.25
N ASP B 106 -6.92 13.70 30.90
CA ASP B 106 -6.97 15.10 31.30
C ASP B 106 -7.04 15.15 32.83
N GLU B 107 -5.92 15.49 33.47
CA GLU B 107 -5.78 15.55 34.92
C GLU B 107 -5.91 14.18 35.58
N THR B 108 -5.80 13.11 34.80
CA THR B 108 -5.90 11.73 35.28
C THR B 108 -4.95 10.86 34.47
N GLY B 109 -4.33 9.90 35.14
CA GLY B 109 -3.34 9.05 34.50
C GLY B 109 -3.54 7.60 34.89
N TRP B 110 -3.03 6.70 34.03
CA TRP B 110 -3.28 5.28 34.18
C TRP B 110 -2.00 4.50 33.93
N VAL B 111 -1.78 3.46 34.72
CA VAL B 111 -0.72 2.49 34.51
C VAL B 111 -1.39 1.13 34.47
N LEU B 112 -1.17 0.39 33.39
CA LEU B 112 -1.70 -0.96 33.27
C LEU B 112 -0.54 -1.93 33.20
N CYS B 113 -0.54 -2.91 34.10
CA CYS B 113 0.47 -3.96 34.17
C CYS B 113 -0.17 -5.32 34.08
N SER B 114 0.53 -6.26 33.44
CA SER B 114 0.20 -7.68 33.52
C SER B 114 1.23 -8.38 34.40
N VAL B 115 0.72 -9.19 35.34
CA VAL B 115 1.52 -9.98 36.29
C VAL B 115 1.50 -11.43 35.87
N THR B 116 2.52 -12.16 36.32
CA THR B 116 2.68 -13.59 36.08
C THR B 116 2.47 -14.36 37.38
N LEU B 117 2.43 -15.68 37.25
CA LEU B 117 2.12 -16.53 38.40
C LEU B 117 3.21 -16.43 39.45
N THR B 118 2.80 -16.22 40.70
CA THR B 118 3.73 -16.09 41.81
C THR B 118 3.95 -17.47 42.41
N ALA B 119 5.21 -17.95 42.40
CA ALA B 119 5.53 -19.25 42.98
C ALA B 119 5.54 -19.21 44.51
N ALA B 120 5.58 -20.40 45.10
CA ALA B 120 5.78 -20.51 46.55
C ALA B 120 7.13 -19.94 46.96
N SER B 121 8.20 -20.31 46.24
CA SER B 121 9.50 -19.69 46.45
C SER B 121 9.42 -18.17 46.44
N GLY B 122 8.44 -17.60 45.75
CA GLY B 122 8.31 -16.18 45.56
C GLY B 122 8.61 -15.82 44.13
N GLU B 123 9.63 -16.46 43.57
CA GLU B 123 10.11 -16.13 42.24
C GLU B 123 9.04 -16.40 41.19
N PRO B 124 8.75 -15.43 40.32
CA PRO B 124 7.64 -15.59 39.38
C PRO B 124 7.90 -16.69 38.37
N ILE B 125 6.85 -17.45 38.04
CA ILE B 125 6.93 -18.41 36.95
C ILE B 125 6.90 -17.58 35.67
N PRO B 126 7.98 -17.60 34.89
CA PRO B 126 8.09 -16.65 33.77
C PRO B 126 7.12 -16.94 32.63
N HIS B 127 6.75 -15.86 31.94
CA HIS B 127 5.91 -15.93 30.74
C HIS B 127 4.56 -16.59 31.04
N MET B 128 3.94 -16.17 32.14
CA MET B 128 2.64 -16.69 32.54
C MET B 128 1.72 -15.54 32.91
N PHE B 129 0.43 -15.84 33.00
CA PHE B 129 -0.58 -14.80 33.17
C PHE B 129 -1.29 -15.00 34.50
N ASP B 130 -1.40 -13.92 35.27
CA ASP B 130 -2.10 -13.95 36.56
C ASP B 130 -2.86 -12.64 36.76
N GLY B 131 -3.45 -12.13 35.69
CA GLY B 131 -4.26 -10.94 35.77
C GLY B 131 -3.53 -9.63 35.53
N PHE B 132 -4.22 -8.58 35.93
CA PHE B 132 -3.86 -7.22 35.62
C PHE B 132 -3.92 -6.37 36.88
N TRP B 133 -3.06 -5.36 36.92
CA TRP B 133 -3.12 -4.30 37.92
C TRP B 133 -3.24 -3.00 37.16
N LEU B 134 -4.28 -2.22 37.46
CA LEU B 134 -4.46 -0.88 36.91
C LEU B 134 -4.32 0.14 38.04
N TYR B 135 -3.34 1.01 37.93
CA TYR B 135 -3.09 2.07 38.91
C TYR B 135 -3.57 3.39 38.33
N LYS B 136 -4.36 4.12 39.12
CA LYS B 136 -4.86 5.45 38.76
C LYS B 136 -4.06 6.54 39.49
N PHE B 137 -3.55 7.49 38.72
CA PHE B 137 -2.74 8.60 39.23
C PHE B 137 -3.49 9.90 38.99
N GLU B 138 -3.45 10.80 39.98
CA GLU B 138 -4.18 12.03 39.83
C GLU B 138 -3.43 13.13 40.59
N PRO B 139 -3.28 14.32 40.00
CA PRO B 139 -2.52 15.40 40.65
C PRO B 139 -3.01 15.69 42.06
N ASP B 140 -2.05 15.90 42.96
CA ASP B 140 -2.31 16.22 44.37
C ASP B 140 -3.29 15.21 45.00
N THR B 141 -3.11 13.94 44.65
CA THR B 141 -3.93 12.85 45.14
C THR B 141 -3.06 11.61 45.13
N GLU B 142 -3.49 10.58 45.85
CA GLU B 142 -2.67 9.39 45.96
C GLU B 142 -3.11 8.35 44.94
N VAL B 143 -2.23 7.38 44.72
CA VAL B 143 -2.48 6.37 43.69
C VAL B 143 -3.58 5.44 44.16
N VAL B 144 -4.57 5.21 43.30
CA VAL B 144 -5.60 4.22 43.57
C VAL B 144 -5.24 2.94 42.82
N ALA B 145 -5.38 1.79 43.48
CA ALA B 145 -4.97 0.50 42.91
C ALA B 145 -6.19 -0.37 42.62
N TYR B 146 -6.22 -0.96 41.43
CA TYR B 146 -7.34 -1.76 40.99
C TYR B 146 -6.81 -3.10 40.52
N ARG B 147 -7.22 -4.17 41.18
CA ARG B 147 -6.86 -5.51 40.76
C ARG B 147 -7.92 -6.00 39.77
N ILE B 148 -7.45 -6.63 38.69
CA ILE B 148 -8.33 -7.11 37.62
C ILE B 148 -7.88 -8.54 37.32
N THR B 149 -8.47 -9.52 38.01
CA THR B 149 -8.12 -10.93 37.86
C THR B 149 -9.40 -11.68 37.57
N GLY B 150 -9.26 -13.00 37.47
CA GLY B 150 -10.36 -13.93 37.36
C GLY B 150 -11.45 -13.48 36.40
N PHE B 151 -12.63 -13.25 36.95
CA PHE B 151 -13.79 -12.93 36.13
C PHE B 151 -13.88 -11.45 35.83
N ALA B 152 -13.05 -10.63 36.47
CA ALA B 152 -12.95 -9.23 36.13
C ALA B 152 -12.29 -8.99 34.78
N TYR B 153 -11.76 -10.02 34.13
CA TYR B 153 -11.35 -9.91 32.73
C TYR B 153 -11.93 -11.08 31.94
N LEU B 154 -12.01 -10.90 30.62
CA LEU B 154 -12.50 -11.93 29.69
C LEU B 154 -11.75 -11.76 28.37
N LEU B 155 -10.63 -12.48 28.21
CA LEU B 155 -9.88 -12.40 26.97
C LEU B 155 -10.54 -13.25 25.90
N ASP B 156 -10.38 -12.85 24.64
CA ASP B 156 -11.13 -13.51 23.57
C ASP B 156 -10.45 -14.75 23.05
N LYS B 157 -9.23 -15.05 23.52
CA LYS B 157 -8.57 -16.34 23.37
C LYS B 157 -8.13 -16.78 24.76
N VAL B 158 -7.56 -17.98 24.86
CA VAL B 158 -6.91 -18.40 26.10
C VAL B 158 -5.44 -18.01 25.97
N TYR B 159 -5.05 -16.93 26.64
CA TYR B 159 -3.66 -16.48 26.64
C TYR B 159 -2.91 -17.15 27.78
N ASP B 160 -1.79 -17.77 27.45
CA ASP B 160 -0.93 -18.31 28.50
C ASP B 160 0.12 -17.33 28.93
N SER B 161 0.24 -16.18 28.24
CA SER B 161 1.01 -15.05 28.73
C SER B 161 0.41 -13.79 28.13
N VAL B 162 0.33 -12.75 28.95
CA VAL B 162 -0.18 -11.45 28.53
C VAL B 162 0.91 -10.41 28.80
N PHE B 163 1.11 -9.52 27.84
CA PHE B 163 2.07 -8.44 27.95
C PHE B 163 1.37 -7.19 27.48
N ILE B 164 1.42 -6.13 28.29
CA ILE B 164 0.90 -4.85 27.83
C ILE B 164 1.93 -4.23 26.92
N GLY B 165 1.52 -3.84 25.73
CA GLY B 165 2.41 -3.13 24.84
C GLY B 165 2.97 -1.88 25.49
N LYS B 166 4.30 -1.68 25.45
CA LYS B 166 4.92 -0.58 26.17
C LYS B 166 4.64 0.78 25.55
N GLY B 167 4.03 0.82 24.36
CA GLY B 167 3.72 2.08 23.72
C GLY B 167 2.75 2.93 24.51
N GLY B 168 1.83 2.30 25.21
CA GLY B 168 0.84 3.00 25.99
C GLY B 168 -0.53 2.95 25.34
N GLY B 169 -1.50 3.53 26.05
CA GLY B 169 -2.89 3.52 25.62
C GLY B 169 -3.54 4.86 25.85
N ILE B 170 -4.84 4.93 25.56
CA ILE B 170 -5.57 6.19 25.59
C ILE B 170 -6.77 6.04 26.51
N GLN B 171 -7.44 7.17 26.72
CA GLN B 171 -8.69 7.20 27.46
C GLN B 171 -9.78 7.75 26.55
N ARG B 172 -10.81 6.95 26.32
CA ARG B 172 -11.98 7.33 25.54
C ARG B 172 -13.16 7.25 26.53
N GLY B 173 -13.60 8.42 27.01
CA GLY B 173 -14.70 8.48 27.96
C GLY B 173 -14.31 7.83 29.26
N ASN B 174 -15.20 6.99 29.79
CA ASN B 174 -14.97 6.20 30.99
C ASN B 174 -14.26 4.88 30.69
N ASP B 175 -13.72 4.73 29.49
CA ASP B 175 -13.03 3.51 29.12
C ASP B 175 -11.58 3.82 28.74
N LEU B 176 -10.73 2.79 28.80
CA LEU B 176 -9.31 2.91 28.52
C LEU B 176 -8.93 1.86 27.48
N TYR B 177 -8.03 2.19 26.56
CA TYR B 177 -7.65 1.21 25.55
C TYR B 177 -6.13 1.07 25.49
N PHE B 178 -5.67 -0.17 25.40
CA PHE B 178 -4.26 -0.52 25.36
C PHE B 178 -4.05 -1.56 24.28
N GLN B 179 -2.79 -1.79 23.95
CA GLN B 179 -2.42 -2.91 23.10
C GLN B 179 -1.76 -3.98 23.96
N MET B 180 -1.95 -5.24 23.56
CA MET B 180 -1.45 -6.36 24.34
C MET B 180 -1.02 -7.48 23.41
N PHE B 181 0.14 -8.07 23.68
CA PHE B 181 0.54 -9.26 22.96
C PHE B 181 0.83 -10.39 23.95
N GLY B 182 0.72 -11.62 23.44
CA GLY B 182 1.16 -12.77 24.21
C GLY B 182 0.86 -14.05 23.45
N LEU B 183 1.29 -15.18 24.04
CA LEU B 183 0.95 -16.52 23.54
C LEU B 183 -0.52 -16.85 23.81
N SER B 184 -1.29 -17.04 22.75
CA SER B 184 -2.68 -17.46 22.86
C SER B 184 -2.80 -18.91 22.39
N ARG B 185 -4.00 -19.46 22.52
CA ARG B 185 -4.24 -20.87 22.22
C ARG B 185 -5.06 -20.99 20.94
N ASN B 186 -4.55 -21.79 19.99
CA ASN B 186 -5.15 -21.93 18.67
C ASN B 186 -5.10 -23.39 18.25
N ARG B 187 -6.15 -23.88 17.60
CA ARG B 187 -6.17 -25.24 17.07
C ARG B 187 -6.82 -25.26 15.69
N GLN B 188 -6.48 -24.28 14.86
CA GLN B 188 -7.18 -24.01 13.62
C GLN B 188 -6.16 -23.76 12.52
N SER B 189 -6.47 -24.19 11.31
CA SER B 189 -5.58 -23.92 10.19
C SER B 189 -5.52 -22.41 9.92
N ILE B 190 -4.31 -21.89 9.74
CA ILE B 190 -4.09 -20.46 9.64
C ILE B 190 -3.30 -20.16 8.36
N LYS B 191 -3.67 -19.09 7.69
CA LYS B 191 -2.93 -18.57 6.53
C LYS B 191 -2.51 -17.15 6.94
N ALA B 192 -1.32 -17.04 7.52
CA ALA B 192 -0.92 -15.80 8.14
C ALA B 192 -0.36 -14.82 7.10
N LEU B 193 -0.31 -13.55 7.51
CA LEU B 193 0.03 -12.46 6.58
C LEU B 193 1.44 -12.63 6.02
N CYS B 194 1.55 -12.63 4.69
CA CYS B 194 2.81 -12.94 4.02
C CYS B 194 3.10 -11.91 2.91
N GLU B 195 2.94 -10.62 3.22
CA GLU B 195 3.15 -9.55 2.26
C GLU B 195 4.62 -9.13 2.25
N HIS B 196 5.29 -9.34 1.13
CA HIS B 196 6.71 -9.08 0.99
C HIS B 196 6.97 -8.50 -0.39
N GLY B 197 8.23 -8.56 -0.80
CA GLY B 197 8.65 -8.03 -2.08
C GLY B 197 9.02 -9.16 -3.01
N SER B 198 9.98 -8.92 -3.91
CA SER B 198 10.38 -9.96 -4.83
C SER B 198 11.21 -11.00 -4.10
N CYS B 199 10.75 -12.24 -4.14
CA CYS B 199 11.41 -13.34 -3.48
C CYS B 199 11.28 -14.55 -4.39
N LEU B 200 12.39 -15.28 -4.57
CA LEU B 200 12.37 -16.48 -5.41
C LEU B 200 11.38 -17.52 -4.89
N GLY B 201 10.63 -18.12 -5.82
CA GLY B 201 9.69 -19.15 -5.48
C GLY B 201 8.48 -18.74 -4.66
N THR B 202 8.16 -17.44 -4.64
CA THR B 202 6.98 -16.95 -3.93
C THR B 202 5.78 -17.89 -4.11
N GLY B 203 5.48 -18.25 -5.36
CA GLY B 203 4.53 -19.31 -5.62
C GLY B 203 5.17 -20.64 -5.28
N GLY B 204 4.59 -21.35 -4.32
CA GLY B 204 5.20 -22.59 -3.89
C GLY B 204 5.13 -22.78 -2.40
N GLY B 205 4.50 -21.82 -1.72
CA GLY B 205 4.12 -21.97 -0.35
C GLY B 205 5.24 -21.94 0.67
N GLY B 206 6.50 -22.01 0.23
CA GLY B 206 7.62 -21.93 1.15
C GLY B 206 7.48 -20.75 2.10
N TYR B 207 7.48 -19.54 1.53
CA TYR B 207 7.33 -18.35 2.35
C TYR B 207 6.04 -18.38 3.14
N GLN B 208 4.99 -18.99 2.59
CA GLN B 208 3.77 -19.05 3.37
C GLN B 208 3.94 -19.94 4.59
N VAL B 209 4.75 -21.00 4.47
CA VAL B 209 5.05 -21.86 5.61
C VAL B 209 5.90 -21.11 6.63
N LEU B 210 6.86 -20.31 6.16
CA LEU B 210 7.66 -19.52 7.09
C LEU B 210 6.81 -18.46 7.78
N CYS B 211 5.92 -17.83 7.03
CA CYS B 211 5.00 -16.86 7.60
C CYS B 211 4.13 -17.50 8.65
N ASP B 212 3.57 -18.66 8.32
CA ASP B 212 2.70 -19.39 9.22
C ASP B 212 3.44 -19.79 10.48
N ARG B 213 4.72 -20.14 10.36
CA ARG B 213 5.48 -20.56 11.54
C ARG B 213 5.90 -19.38 12.39
N ALA B 214 6.29 -18.26 11.76
CA ALA B 214 6.79 -17.12 12.49
C ALA B 214 5.80 -16.56 13.50
N VAL B 215 4.54 -17.00 13.47
CA VAL B 215 3.55 -16.61 14.47
C VAL B 215 3.15 -17.76 15.39
N MET B 216 3.62 -18.96 15.07
CA MET B 216 3.23 -20.16 15.86
C MET B 216 4.08 -20.18 17.12
N SER B 217 3.53 -20.66 18.24
CA SER B 217 4.28 -20.59 19.50
C SER B 217 4.51 -21.99 20.07
N PHE B 218 3.49 -22.85 20.09
CA PHE B 218 3.69 -24.17 20.71
C PHE B 218 4.40 -25.08 19.71
N GLY B 219 5.03 -24.46 18.70
CA GLY B 219 5.68 -25.24 17.63
C GLY B 219 4.72 -25.45 16.48
N SER B 220 3.43 -25.48 16.79
CA SER B 220 2.40 -25.64 15.71
C SER B 220 1.05 -25.09 16.17
N GLU B 221 -0.05 -25.82 15.90
CA GLU B 221 -1.40 -25.29 16.18
C GLU B 221 -1.78 -25.51 17.65
N GLU B 222 -1.03 -24.95 18.58
CA GLU B 222 -1.43 -24.99 20.00
C GLU B 222 -1.32 -23.57 20.53
N SER B 223 -0.26 -22.87 20.15
CA SER B 223 -0.04 -21.49 20.66
C SER B 223 0.35 -20.51 19.54
N LEU B 224 -0.21 -19.30 19.56
CA LEU B 224 0.13 -18.27 18.59
C LEU B 224 0.50 -16.99 19.30
N ILE B 225 1.61 -16.37 18.91
CA ILE B 225 2.00 -15.08 19.48
C ILE B 225 1.15 -13.99 18.85
N SER B 226 0.07 -13.62 19.51
CA SER B 226 -0.92 -12.77 18.87
C SER B 226 -1.01 -11.42 19.56
N ASN B 227 -1.59 -10.51 18.79
CA ASN B 227 -1.87 -9.13 19.17
C ASN B 227 -3.34 -8.98 19.53
N ALA B 228 -3.63 -7.95 20.32
CA ALA B 228 -5.00 -7.69 20.68
C ALA B 228 -5.15 -6.24 21.14
N TYR B 229 -6.34 -5.68 20.86
CA TYR B 229 -6.81 -4.51 21.58
C TYR B 229 -7.34 -4.93 22.95
N LEU B 230 -6.92 -4.24 23.99
CA LEU B 230 -7.45 -4.48 25.33
C LEU B 230 -8.28 -3.27 25.77
N LYS B 231 -9.56 -3.48 26.05
CA LYS B 231 -10.40 -2.42 26.59
C LYS B 231 -10.59 -2.60 28.10
N VAL B 232 -10.36 -1.53 28.86
CA VAL B 232 -10.70 -1.44 30.27
C VAL B 232 -12.03 -0.69 30.37
N ASN B 233 -13.04 -1.34 30.97
CA ASN B 233 -14.40 -0.82 31.10
C ASN B 233 -14.67 -0.26 32.49
N ASP B 234 -15.45 0.83 32.50
CA ASP B 234 -16.03 1.50 33.67
C ASP B 234 -14.94 1.87 34.68
N VAL B 235 -14.04 2.76 34.27
CA VAL B 235 -13.01 3.12 35.23
C VAL B 235 -13.57 3.99 36.35
N ALA B 236 -14.73 4.62 36.16
CA ALA B 236 -15.37 5.35 37.25
C ALA B 236 -16.08 4.43 38.24
N SER B 237 -16.34 3.16 37.85
CA SER B 237 -17.00 2.21 38.74
C SER B 237 -16.18 1.93 39.99
N GLY B 238 -14.85 1.92 39.85
CA GLY B 238 -13.99 1.38 40.87
C GLY B 238 -13.85 -0.12 40.80
N LYS B 239 -14.56 -0.77 39.89
CA LYS B 239 -14.41 -2.20 39.64
C LYS B 239 -14.21 -2.40 38.13
N PRO B 240 -13.13 -1.85 37.59
CA PRO B 240 -12.93 -1.91 36.14
C PRO B 240 -12.73 -3.34 35.67
N THR B 241 -13.20 -3.59 34.44
CA THR B 241 -13.11 -4.93 33.86
C THR B 241 -12.25 -4.84 32.58
N ILE B 242 -11.63 -5.95 32.17
CA ILE B 242 -10.80 -5.96 30.95
C ILE B 242 -11.29 -6.99 29.95
N ILE B 243 -11.53 -6.54 28.71
CA ILE B 243 -11.92 -7.39 27.59
C ILE B 243 -10.86 -7.25 26.51
N SER B 244 -10.70 -8.28 25.68
CA SER B 244 -9.71 -8.25 24.61
C SER B 244 -10.37 -8.52 23.26
N GLN B 245 -9.69 -8.13 22.20
CA GLN B 245 -10.12 -8.45 20.84
C GLN B 245 -8.86 -8.74 20.05
N THR B 246 -8.65 -10.01 19.71
CA THR B 246 -7.37 -10.47 19.19
C THR B 246 -7.36 -10.39 17.68
N PHE B 247 -6.21 -10.04 17.13
CA PHE B 247 -6.03 -10.05 15.69
C PHE B 247 -5.94 -11.48 15.19
N PRO B 248 -6.61 -11.81 14.08
CA PRO B 248 -6.37 -13.11 13.45
C PRO B 248 -5.04 -13.12 12.74
N PRO B 249 -4.43 -14.29 12.54
CA PRO B 249 -3.14 -14.34 11.85
C PRO B 249 -3.20 -13.88 10.41
N SER B 250 -4.39 -13.73 9.84
CA SER B 250 -4.50 -13.19 8.50
C SER B 250 -4.44 -11.67 8.49
N ASP B 251 -4.61 -11.02 9.64
CA ASP B 251 -4.54 -9.57 9.74
C ASP B 251 -3.40 -9.08 10.64
N SER B 252 -2.34 -9.87 10.82
CA SER B 252 -1.24 -9.43 11.69
C SER B 252 -0.05 -10.37 11.54
N TYR B 253 1.13 -9.84 11.87
CA TYR B 253 2.35 -10.62 11.95
C TYR B 253 2.53 -11.14 13.38
N LYS B 254 3.73 -11.59 13.71
CA LYS B 254 4.02 -12.01 15.08
C LYS B 254 3.73 -10.87 16.07
N GLY B 255 3.15 -11.23 17.22
CA GLY B 255 2.81 -10.24 18.23
C GLY B 255 4.01 -9.56 18.86
N SER B 256 3.78 -8.35 19.38
CA SER B 256 4.85 -7.42 19.74
C SER B 256 4.28 -6.24 20.52
N ASN B 257 5.18 -5.48 21.13
CA ASN B 257 4.77 -4.22 21.76
C ASN B 257 4.17 -3.28 20.74
N GLY B 258 3.07 -2.65 21.11
CA GLY B 258 2.45 -1.68 20.26
C GLY B 258 1.95 -0.50 21.08
N ARG B 259 1.12 0.31 20.43
CA ARG B 259 0.66 1.55 21.03
C ARG B 259 -0.74 1.84 20.51
N ILE B 260 -1.58 2.36 21.38
CA ILE B 260 -2.91 2.82 21.00
C ILE B 260 -2.92 4.33 21.01
N TYR B 261 -3.56 4.92 20.01
CA TYR B 261 -3.51 6.35 19.75
C TYR B 261 -4.92 6.89 19.69
N THR B 262 -5.10 8.11 20.21
CA THR B 262 -6.19 8.98 19.78
C THR B 262 -5.69 9.79 18.58
N ILE B 263 -6.46 9.77 17.49
CA ILE B 263 -6.16 10.53 16.28
C ILE B 263 -7.47 11.23 15.89
N GLY B 264 -7.67 12.43 16.40
CA GLY B 264 -8.89 13.15 16.08
C GLY B 264 -10.05 12.53 16.83
N GLU B 265 -11.13 12.25 16.09
CA GLU B 265 -12.24 11.46 16.60
C GLU B 265 -12.08 10.00 16.23
N ARG B 266 -10.97 9.62 15.61
CA ARG B 266 -10.68 8.23 15.29
C ARG B 266 -9.44 7.80 16.09
N TYR B 267 -8.83 6.67 15.73
CA TYR B 267 -7.83 6.05 16.60
C TYR B 267 -6.77 5.36 15.76
N GLY B 268 -5.71 4.91 16.44
CA GLY B 268 -4.63 4.24 15.72
C GLY B 268 -3.92 3.19 16.56
N ILE B 269 -3.22 2.29 15.88
CA ILE B 269 -2.39 1.31 16.57
C ILE B 269 -1.03 1.18 15.87
N TYR B 270 0.05 1.34 16.63
CA TYR B 270 1.38 0.93 16.20
C TYR B 270 1.67 -0.49 16.65
N LEU B 271 2.35 -1.26 15.80
CA LEU B 271 2.81 -2.60 16.12
C LEU B 271 4.27 -2.72 15.71
N ALA B 272 5.16 -3.08 16.68
CA ALA B 272 6.60 -3.09 16.42
C ALA B 272 7.00 -4.37 15.68
N PRO B 273 7.93 -4.28 14.72
CA PRO B 273 8.49 -5.49 14.12
C PRO B 273 9.04 -6.43 15.19
N SER B 274 8.47 -7.63 15.26
CA SER B 274 9.01 -8.67 16.10
C SER B 274 9.58 -9.83 15.31
N SER B 275 9.19 -9.98 14.05
CA SER B 275 9.66 -11.08 13.22
C SER B 275 10.34 -10.54 11.96
N TRP B 276 9.90 -11.06 10.80
CA TRP B 276 10.59 -10.78 9.55
C TRP B 276 10.13 -9.47 8.92
N ASN B 277 8.92 -9.01 9.20
CA ASN B 277 8.41 -7.73 8.62
C ASN B 277 8.89 -6.56 9.49
N ARG B 278 9.94 -5.89 9.01
CA ARG B 278 10.59 -4.84 9.82
C ARG B 278 10.10 -3.47 9.34
N TYR B 279 8.96 -3.42 8.65
CA TYR B 279 8.38 -2.13 8.20
C TYR B 279 7.43 -1.54 9.22
N LEU B 280 6.66 -0.56 8.75
CA LEU B 280 5.73 0.14 9.64
C LEU B 280 4.40 -0.61 9.70
N ARG B 281 4.00 -0.98 10.90
CA ARG B 281 2.68 -1.63 11.08
C ARG B 281 1.84 -0.62 11.84
N PHE B 282 1.17 0.24 11.09
CA PHE B 282 0.35 1.25 11.71
C PHE B 282 -1.03 1.13 11.09
N GLY B 283 -2.03 1.04 11.95
CA GLY B 283 -3.39 0.86 11.52
C GLY B 283 -4.24 2.00 12.04
N LEU B 284 -5.26 2.33 11.27
CA LEU B 284 -6.20 3.41 11.57
C LEU B 284 -7.57 2.80 11.78
N THR B 285 -8.27 3.25 12.84
CA THR B 285 -9.59 2.69 13.12
C THR B 285 -10.59 3.70 13.68
N PRO B 286 -11.82 3.79 13.12
CA PRO B 286 -12.78 4.82 13.54
C PRO B 286 -13.26 4.42 14.92
N ASP B 287 -13.43 3.13 15.14
CA ASP B 287 -13.72 2.66 16.50
C ASP B 287 -12.47 1.87 16.85
N ILE B 288 -12.41 1.22 18.00
CA ILE B 288 -11.19 0.41 18.26
C ILE B 288 -11.57 -1.03 17.99
N SER B 289 -11.49 -1.44 16.73
CA SER B 289 -11.96 -2.80 16.33
C SER B 289 -11.04 -3.39 15.27
N VAL B 290 -10.85 -4.71 15.31
CA VAL B 290 -9.97 -5.42 14.33
C VAL B 290 -10.61 -5.30 12.96
N ARG B 291 -11.93 -5.44 12.89
CA ARG B 291 -12.60 -5.37 11.60
C ARG B 291 -12.57 -3.97 10.99
N SER B 292 -12.30 -2.94 11.78
CA SER B 292 -12.26 -1.58 11.24
C SER B 292 -10.85 -1.00 11.26
N THR B 293 -9.83 -1.82 11.17
CA THR B 293 -8.45 -1.34 11.22
C THR B 293 -7.83 -1.44 9.84
N THR B 294 -7.39 -0.31 9.32
CA THR B 294 -6.80 -0.21 7.99
C THR B 294 -5.32 0.11 8.12
N TRP B 295 -4.47 -0.73 7.54
CA TRP B 295 -3.03 -0.57 7.71
C TRP B 295 -2.46 0.40 6.69
N LEU B 296 -1.67 1.35 7.17
CA LEU B 296 -1.03 2.31 6.28
C LEU B 296 -0.16 1.59 5.26
N LYS B 297 0.01 2.21 4.09
CA LYS B 297 0.86 1.60 3.08
C LYS B 297 2.33 1.95 3.26
N GLU B 298 2.63 3.06 3.92
CA GLU B 298 4.00 3.58 3.96
C GLU B 298 4.86 2.70 4.86
N LYS B 299 6.14 2.56 4.49
CA LYS B 299 7.01 1.62 5.18
C LYS B 299 7.94 2.25 6.21
N ASP B 300 8.05 3.61 6.28
CA ASP B 300 9.07 4.13 7.22
C ASP B 300 8.45 4.56 8.54
N PRO B 301 9.17 4.39 9.65
CA PRO B 301 10.51 3.82 9.80
C PRO B 301 10.62 2.32 9.55
N ILE B 302 11.84 1.84 9.31
CA ILE B 302 12.13 0.43 9.07
C ILE B 302 13.16 0.01 10.11
N MET B 303 12.77 -0.91 10.99
CA MET B 303 13.67 -1.36 12.05
C MET B 303 14.84 -2.08 11.42
N LYS B 304 15.97 -1.41 11.33
CA LYS B 304 17.19 -2.08 10.92
C LYS B 304 18.07 -2.43 12.12
N VAL B 305 17.58 -2.18 13.33
CA VAL B 305 18.37 -2.33 14.55
C VAL B 305 17.68 -3.35 15.45
N LEU B 306 18.49 -4.07 16.24
CA LEU B 306 17.98 -5.03 17.24
C LEU B 306 17.27 -6.22 16.57
N THR B 307 17.76 -6.64 15.41
CA THR B 307 17.14 -7.74 14.68
C THR B 307 18.20 -8.79 14.38
N THR B 308 17.76 -10.04 14.28
CA THR B 308 18.54 -11.14 13.74
C THR B 308 18.21 -11.41 12.28
N CYS B 309 17.34 -10.59 11.69
CA CYS B 309 16.90 -10.79 10.32
C CYS B 309 17.97 -10.35 9.35
N THR B 310 18.29 -11.23 8.41
CA THR B 310 19.25 -10.93 7.36
C THR B 310 18.56 -10.61 6.04
N ASN B 311 17.24 -10.47 6.03
CA ASN B 311 16.52 -10.13 4.81
C ASN B 311 16.83 -8.69 4.41
N THR B 312 16.41 -8.32 3.20
CA THR B 312 16.71 -6.99 2.68
C THR B 312 15.64 -5.99 3.09
N ASP B 313 16.06 -4.74 3.25
CA ASP B 313 15.09 -3.70 3.55
C ASP B 313 14.12 -3.51 2.41
N LYS B 314 14.54 -3.80 1.18
CA LYS B 314 13.74 -3.55 -0.02
C LYS B 314 12.67 -4.61 -0.26
N ASP B 315 13.02 -5.89 -0.09
CA ASP B 315 12.10 -6.99 -0.42
C ASP B 315 11.52 -7.70 0.79
N MET B 316 12.16 -7.64 1.97
CA MET B 316 11.58 -8.18 3.21
C MET B 316 11.00 -9.57 3.01
N CYS B 317 11.84 -10.46 2.63
CA CYS B 317 11.37 -11.80 2.33
C CYS B 317 11.21 -12.59 3.62
N PRO B 318 10.07 -13.25 3.81
CA PRO B 318 9.80 -13.94 5.06
C PRO B 318 10.88 -14.94 5.44
N GLU B 319 11.37 -14.82 6.67
CA GLU B 319 12.32 -15.75 7.27
C GLU B 319 12.01 -15.84 8.76
N ILE B 320 12.67 -16.76 9.45
CA ILE B 320 12.47 -16.93 10.89
C ILE B 320 13.57 -16.15 11.60
N CYS B 321 13.18 -15.09 12.30
CA CYS B 321 14.16 -14.16 12.87
C CYS B 321 13.45 -13.34 13.93
N ASN B 322 14.25 -12.62 14.72
CA ASN B 322 13.75 -11.88 15.87
C ASN B 322 14.14 -10.41 15.74
N THR B 323 13.17 -9.53 16.01
CA THR B 323 13.35 -8.09 16.02
C THR B 323 12.72 -7.54 17.29
N ARG B 324 13.45 -6.72 18.05
CA ARG B 324 12.98 -6.37 19.39
C ARG B 324 13.09 -4.88 19.66
N GLY B 325 12.93 -4.03 18.63
CA GLY B 325 13.00 -2.60 18.80
C GLY B 325 11.64 -2.02 19.14
N TYR B 326 11.60 -0.70 19.17
CA TYR B 326 10.36 0.07 19.23
C TYR B 326 10.70 1.45 18.68
N GLN B 327 10.25 1.73 17.45
CA GLN B 327 10.39 3.03 16.81
C GLN B 327 8.97 3.33 16.30
N ASP B 328 8.18 4.00 17.12
CA ASP B 328 6.80 4.29 16.73
C ASP B 328 6.73 5.63 16.02
N ILE B 329 5.50 6.02 15.69
CA ILE B 329 5.25 7.25 14.97
C ILE B 329 4.24 8.07 15.77
N PHE B 330 4.18 9.36 15.47
CA PHE B 330 3.08 10.18 15.97
C PHE B 330 2.41 10.81 14.76
N PRO B 331 1.16 10.49 14.49
CA PRO B 331 0.49 11.09 13.33
C PRO B 331 0.34 12.60 13.47
N LEU B 332 0.49 13.30 12.34
CA LEU B 332 0.30 14.74 12.31
C LEU B 332 -0.79 15.16 11.33
N SER B 333 -1.70 14.24 11.00
CA SER B 333 -2.85 14.53 10.15
C SER B 333 -3.93 13.50 10.42
N GLU B 334 -5.15 13.84 10.05
CA GLU B 334 -6.29 12.97 10.35
C GLU B 334 -6.09 11.58 9.76
N ASP B 335 -5.51 11.49 8.58
CA ASP B 335 -5.35 10.23 7.87
C ASP B 335 -4.00 9.60 8.11
N SER B 336 -3.22 10.15 9.04
CA SER B 336 -1.83 9.80 9.22
C SER B 336 -1.07 9.89 7.90
N SER B 337 -1.57 10.72 6.99
CA SER B 337 -0.82 11.00 5.77
C SER B 337 0.44 11.78 6.09
N PHE B 338 0.42 12.57 7.17
CA PHE B 338 1.60 13.20 7.74
C PHE B 338 1.95 12.55 9.07
N TYR B 339 3.23 12.38 9.35
CA TYR B 339 3.55 11.91 10.69
C TYR B 339 5.04 12.08 10.97
N THR B 340 5.38 12.15 12.24
CA THR B 340 6.78 12.29 12.61
C THR B 340 7.28 11.02 13.30
N TYR B 341 8.56 10.71 13.10
CA TYR B 341 9.13 9.51 13.70
C TYR B 341 10.64 9.71 13.86
N ILE B 342 11.31 8.66 14.34
CA ILE B 342 12.77 8.59 14.42
C ILE B 342 13.22 7.33 13.69
N GLY B 343 14.32 7.45 12.96
CA GLY B 343 14.93 6.32 12.27
C GLY B 343 16.29 6.04 12.87
N ILE B 344 16.64 4.76 12.96
CA ILE B 344 17.90 4.33 13.55
C ILE B 344 18.52 3.28 12.64
N THR B 345 19.81 3.42 12.40
CA THR B 345 20.54 2.57 11.49
C THR B 345 21.80 2.06 12.17
N PRO B 346 22.14 0.77 12.06
CA PRO B 346 23.30 0.25 12.78
C PRO B 346 24.63 0.73 12.22
N SER B 347 25.65 0.78 13.07
CA SER B 347 27.00 1.18 12.64
C SER B 347 27.99 0.20 13.28
N ASN B 348 29.09 -0.09 12.60
CA ASN B 348 30.00 -1.12 13.17
C ASN B 348 30.36 -0.73 14.60
N GLU B 349 30.15 0.52 14.99
CA GLU B 349 30.49 0.96 16.36
C GLU B 349 29.21 0.92 17.21
N GLY B 350 28.20 1.69 16.80
CA GLY B 350 26.91 1.66 17.50
C GLY B 350 25.77 1.94 16.54
N THR B 351 25.07 3.05 16.75
CA THR B 351 23.88 3.34 15.92
C THR B 351 23.88 4.81 15.49
N LYS B 352 23.30 5.10 14.32
CA LYS B 352 23.14 6.50 13.89
C LYS B 352 21.65 6.76 13.71
N SER B 353 21.14 7.91 14.17
CA SER B 353 19.71 8.14 14.18
C SER B 353 19.38 9.54 13.66
N PHE B 354 18.10 9.70 13.30
CA PHE B 354 17.61 10.96 12.76
C PHE B 354 16.13 11.11 13.12
N VAL B 355 15.68 12.38 13.26
CA VAL B 355 14.27 12.73 13.40
C VAL B 355 13.72 13.08 12.01
N ALA B 356 12.47 12.67 11.75
CA ALA B 356 11.93 12.81 10.41
C ALA B 356 10.44 13.12 10.44
N VAL B 357 9.97 13.78 9.38
CA VAL B 357 8.54 13.94 9.09
C VAL B 357 8.24 13.40 7.71
N LYS B 358 7.21 12.56 7.61
CA LYS B 358 6.77 12.03 6.35
C LYS B 358 5.58 12.80 5.89
N ASP B 359 5.44 12.98 4.60
CA ASP B 359 4.34 13.75 4.06
C ASP B 359 3.34 12.97 3.26
N ASP B 360 2.37 13.67 2.69
CA ASP B 360 1.36 13.05 1.85
C ASP B 360 1.84 12.63 0.49
N ALA B 361 3.15 12.68 0.26
CA ALA B 361 3.66 12.40 -1.04
C ALA B 361 4.92 11.62 -0.96
N GLY B 362 5.15 10.95 0.15
CA GLY B 362 6.29 10.09 0.23
C GLY B 362 7.56 10.70 0.73
N HIS B 363 7.65 12.01 0.73
CA HIS B 363 8.87 12.68 1.10
C HIS B 363 9.21 12.55 2.54
N VAL B 364 10.46 12.31 2.84
CA VAL B 364 10.91 12.26 4.20
C VAL B 364 11.85 13.42 4.46
N ALA B 365 11.53 14.29 5.41
CA ALA B 365 12.42 15.37 5.77
C ALA B 365 13.04 15.03 7.12
N SER B 366 14.36 14.88 7.15
CA SER B 366 15.06 14.34 8.31
C SER B 366 16.24 15.22 8.66
N ILE B 367 16.46 15.39 9.96
CA ILE B 367 17.71 15.92 10.50
C ILE B 367 18.31 14.86 11.43
N THR B 368 19.60 14.60 11.27
CA THR B 368 20.27 13.65 12.14
C THR B 368 20.24 14.15 13.58
N ILE B 369 20.16 13.22 14.54
CA ILE B 369 20.10 13.59 15.95
C ILE B 369 21.06 12.75 16.78
N LEU B 370 21.40 13.28 17.94
CA LEU B 370 22.25 12.61 18.93
C LEU B 370 23.52 12.07 18.27
N PRO B 371 24.37 12.96 17.75
CA PRO B 371 25.55 12.50 17.02
C PRO B 371 26.68 12.07 17.94
N ASN B 372 26.73 12.72 19.10
CA ASN B 372 27.73 12.40 20.12
C ASN B 372 27.28 11.31 21.07
N TYR B 373 26.05 10.83 20.91
CA TYR B 373 25.62 9.61 21.57
C TYR B 373 26.17 8.41 20.82
N TYR B 374 26.59 7.41 21.59
CA TYR B 374 27.01 6.15 21.02
C TYR B 374 25.86 5.47 20.28
N SER B 375 24.80 5.15 21.02
CA SER B 375 23.69 4.37 20.48
C SER B 375 22.36 4.95 20.95
N ILE B 376 21.34 4.67 20.16
CA ILE B 376 19.95 4.93 20.51
C ILE B 376 19.18 3.77 19.91
N THR B 377 18.49 2.99 20.73
CA THR B 377 17.93 1.75 20.25
C THR B 377 16.41 1.74 20.19
N SER B 378 15.74 2.72 20.77
CA SER B 378 14.29 2.78 20.76
C SER B 378 13.86 4.24 20.52
N ALA B 379 12.56 4.44 20.36
CA ALA B 379 12.00 5.78 20.22
C ALA B 379 10.49 5.75 20.36
N THR B 380 9.95 6.46 21.33
CA THR B 380 8.51 6.72 21.39
C THR B 380 8.31 8.22 21.37
N ILE B 381 7.40 8.69 20.53
CA ILE B 381 7.28 10.12 20.30
C ILE B 381 5.85 10.54 20.53
N SER B 382 5.66 11.60 21.32
CA SER B 382 4.34 12.17 21.52
C SER B 382 4.43 13.68 21.32
N CYS B 383 3.54 14.22 20.47
CA CYS B 383 3.46 15.64 20.16
C CYS B 383 2.26 16.26 20.86
N PHE B 384 2.13 17.57 20.67
CA PHE B 384 1.24 18.43 21.43
C PHE B 384 1.44 19.86 20.95
N MET B 385 0.53 20.73 21.37
CA MET B 385 0.55 22.15 21.01
C MET B 385 1.14 22.95 22.17
N TYR B 386 2.26 23.63 21.92
CA TYR B 386 3.04 24.38 22.91
C TYR B 386 3.47 25.69 22.29
N LYS B 387 3.14 26.80 22.96
CA LYS B 387 3.45 28.14 22.46
C LYS B 387 2.91 28.33 21.04
N GLU B 388 1.69 27.83 20.80
CA GLU B 388 1.01 27.90 19.50
C GLU B 388 1.88 27.32 18.38
N GLU B 389 2.67 26.30 18.71
CA GLU B 389 3.49 25.60 17.73
C GLU B 389 3.48 24.11 18.07
N ILE B 390 3.54 23.29 17.04
CA ILE B 390 3.50 21.84 17.21
C ILE B 390 4.87 21.38 17.68
N TRP B 391 4.91 20.75 18.85
CA TRP B 391 6.13 20.26 19.47
C TRP B 391 5.96 18.80 19.82
N CYS B 392 7.04 18.04 19.71
CA CYS B 392 7.03 16.65 20.13
C CYS B 392 8.22 16.36 21.02
N ILE B 393 7.99 15.47 21.96
CA ILE B 393 9.03 14.89 22.78
C ILE B 393 9.23 13.43 22.37
N ALA B 394 10.50 13.04 22.23
CA ALA B 394 10.94 11.70 21.88
C ALA B 394 11.71 11.10 23.03
N VAL B 395 11.33 9.89 23.44
CA VAL B 395 11.94 9.19 24.56
C VAL B 395 12.63 7.96 24.03
N THR B 396 13.96 7.94 24.18
CA THR B 396 14.88 7.07 23.46
C THR B 396 15.78 6.35 24.46
N GLU B 397 15.87 5.04 24.33
CA GLU B 397 16.82 4.26 25.12
C GLU B 397 18.16 4.31 24.43
N GLY B 398 19.22 4.26 25.23
CA GLY B 398 20.53 4.21 24.61
C GLY B 398 21.64 4.29 25.64
N ARG B 399 22.84 4.43 25.09
CA ARG B 399 24.06 4.63 25.86
C ARG B 399 24.75 5.83 25.25
N LYS B 400 24.85 6.94 25.98
CA LYS B 400 25.63 8.06 25.47
C LYS B 400 27.09 7.69 25.33
N GLN B 401 27.63 6.96 26.31
CA GLN B 401 28.96 6.38 26.19
C GLN B 401 28.83 4.86 26.23
N LYS B 402 29.66 4.19 25.43
CA LYS B 402 29.52 2.74 25.21
C LYS B 402 29.62 1.95 26.51
N GLU B 403 30.68 2.18 27.27
CA GLU B 403 30.90 1.44 28.51
C GLU B 403 29.88 1.75 29.59
N ASN B 404 29.00 2.73 29.36
CA ASN B 404 27.96 3.11 30.30
C ASN B 404 26.76 2.18 30.14
N PRO B 405 26.02 1.90 31.23
CA PRO B 405 24.79 1.12 31.09
C PRO B 405 23.71 1.95 30.40
N GLN B 406 22.74 1.24 29.84
CA GLN B 406 21.66 1.90 29.12
C GLN B 406 20.85 2.79 30.05
N ARG B 407 20.47 3.96 29.53
CA ARG B 407 19.57 4.88 30.19
C ARG B 407 18.51 5.35 29.20
N ILE B 408 17.64 6.21 29.70
CA ILE B 408 16.46 6.71 29.01
C ILE B 408 16.61 8.21 28.87
N TYR B 409 16.61 8.69 27.64
CA TYR B 409 16.89 10.09 27.33
C TYR B 409 15.67 10.68 26.63
N ALA B 410 15.38 11.94 26.92
CA ALA B 410 14.19 12.60 26.38
C ALA B 410 14.61 13.89 25.71
N HIS B 411 14.03 14.16 24.55
CA HIS B 411 14.36 15.40 23.83
C HIS B 411 13.13 15.98 23.14
N SER B 412 13.14 17.31 22.97
CA SER B 412 12.06 18.06 22.32
C SER B 412 12.49 18.61 20.97
N TYR B 413 11.51 18.74 20.09
CA TYR B 413 11.72 19.35 18.78
C TYR B 413 10.37 19.90 18.30
N ARG B 414 10.41 20.65 17.20
CA ARG B 414 9.20 21.28 16.67
C ARG B 414 8.94 20.82 15.25
N VAL B 415 7.67 20.81 14.86
CA VAL B 415 7.25 20.43 13.51
C VAL B 415 6.68 21.66 12.85
N GLN B 416 7.31 22.09 11.76
CA GLN B 416 6.96 23.31 11.07
C GLN B 416 6.19 22.99 9.80
N LYS B 417 5.25 23.89 9.45
CA LYS B 417 4.45 23.77 8.24
C LYS B 417 5.10 24.61 7.14
N MET B 418 5.21 24.05 5.95
CA MET B 418 5.87 24.75 4.82
C MET B 418 5.16 24.43 3.50
N CYS B 419 5.30 25.31 2.47
CA CYS B 419 4.71 25.04 1.13
C CYS B 419 5.83 25.01 0.09
N PHE B 420 5.75 24.11 -0.87
CA PHE B 420 6.78 23.96 -1.88
C PHE B 420 6.11 23.62 -3.20
N HIS B 421 6.83 23.05 -4.16
CA HIS B 421 6.27 22.77 -5.47
C HIS B 421 5.67 23.99 -6.10
#